data_8BB4
#
_entry.id   8BB4
#
_cell.length_a   46.786
_cell.length_b   184.506
_cell.length_c   47.951
_cell.angle_alpha   90.000
_cell.angle_beta   102.780
_cell.angle_gamma   90.000
#
_symmetry.space_group_name_H-M   'P 1 21 1'
#
loop_
_entity.id
_entity.type
_entity.pdbx_description
1 polymer Elongin-B
2 polymer Elongin-C
3 polymer 'von Hippel-Lindau disease tumor suppressor'
4 polymer 'WD repeat-containing protein 5'
5 non-polymer ~{N}-[5-[4-[[4-[[(2~{S})-3,3-dimethyl-1-[(2~{S},4~{R})-2-[[4-(4-methyl-1,3-thiazol-5-yl)phenyl]methylcarbamoyl]-4-oxidanyl-pyrrolidin-1-yl]-1-oxidanylidene-butan-2-yl]amino]-4-oxidanylidene-butyl]carbamoyl]phenyl]-2-(4-methylpiperazin-1-yl)phenyl]-6-oxidanyl-4-(trifluoromethyl)pyridine-3-carboxamide
6 water water
#
loop_
_entity_poly.entity_id
_entity_poly.type
_entity_poly.pdbx_seq_one_letter_code
_entity_poly.pdbx_strand_id
1 'polypeptide(L)'
;MDVFLMIRRHKTTIFTDAKESSTVFELKRIVEGILKRPPDEQRLYKDDQLLDDGKTLGECGFTSQTARPQAPATVGLAFR
ADDTFEALCIEPFSSPPELPDVMK
;
I
2 'polypeptide(L)'
;KAMYVKLISSDGHEFIVKREHALTSGTIKAMLSGPGQFAENETNEVNFREIPSHVLSKVCMYFTYKVRYTNSSTEIPEFP
IAPEIALELLMAANFLDC
;
O
3 'polypeptide(L)'
;GSMEAGRPRPVLRSVNSREPSQVIFCNRSPRVVLPVWLNFDGEPQPYPTLPPGTGRRIHSYRGHLWLFRDAGTHDGLLVN
QTELFVPSLNVDGQPIFANITLPVYTLKERCLQVVRSLVKPENYRRLDIVRSLYEDLEDHPNVQKDLERLTQERIAHQRM
GD
;
P
4 'polypeptide(L)'
;MGSSHHHHHHSSGLVPRGSPNYALKFTLAGHTKAVSSVKFSPNGEWLASSSADKLIKIWGAYDGKFEKTISGHKLGISDV
AWSSDSNLLVSASDDKTLKIWDVSSGKCLKTLKGHSNYVFCCNFNPQSNLIVSGSFDESVRIWDVKTGKCLKTLPAHSDP
VSAVHFNRDGSLIVSSSYDGLCRIWDTASGQCLKTLIDDDNPPVSFVKFSPNGKYILAATLDNTLKLWDYSKGKCLKTYT
GHKNEKYCIFANFSVTGGKWIVSGSEDNLVYIWNLQTKEIVQKLQGHTDVVISTACHPTENIIASAALENDKTIKLWKSD
C
;
Q
#
# COMPACT_ATOMS: atom_id res chain seq x y z
N MET A 1 -8.31 3.61 37.04
CA MET A 1 -7.98 2.20 36.67
C MET A 1 -9.06 1.28 37.23
N ASP A 2 -9.80 0.62 36.33
CA ASP A 2 -10.85 -0.33 36.69
C ASP A 2 -10.26 -1.72 36.90
N VAL A 3 -10.99 -2.55 37.65
CA VAL A 3 -10.60 -3.94 37.83
C VAL A 3 -11.77 -4.84 37.46
N PHE A 4 -11.40 -6.08 37.12
CA PHE A 4 -12.32 -7.04 36.55
C PHE A 4 -12.12 -8.35 37.30
N LEU A 5 -13.23 -8.84 37.86
CA LEU A 5 -13.23 -9.86 38.89
C LEU A 5 -14.11 -11.01 38.46
N MET A 6 -13.71 -12.22 38.90
CA MET A 6 -14.63 -13.32 39.07
C MET A 6 -14.79 -13.52 40.57
N ILE A 7 -16.02 -13.47 41.09
CA ILE A 7 -16.29 -13.80 42.47
C ILE A 7 -16.80 -15.24 42.49
N ARG A 8 -16.12 -16.11 43.24
CA ARG A 8 -16.34 -17.55 43.11
C ARG A 8 -16.57 -18.19 44.48
N ARG A 9 -17.74 -18.84 44.61
CA ARG A 9 -18.08 -19.67 45.76
C ARG A 9 -18.69 -20.96 45.26
N HIS A 10 -18.18 -22.11 45.71
CA HIS A 10 -18.69 -23.40 45.25
C HIS A 10 -18.65 -23.43 43.72
N LYS A 11 -19.82 -23.45 43.07
CA LYS A 11 -19.91 -23.60 41.62
C LYS A 11 -20.60 -22.41 40.97
N THR A 12 -20.63 -21.26 41.67
CA THR A 12 -21.16 -20.01 41.12
C THR A 12 -19.97 -19.09 40.84
N THR A 13 -20.06 -18.27 39.78
CA THR A 13 -18.99 -17.34 39.43
C THR A 13 -19.58 -16.04 38.92
N ILE A 14 -19.29 -14.93 39.62
CA ILE A 14 -19.80 -13.63 39.26
C ILE A 14 -18.73 -12.87 38.49
N PHE A 15 -19.13 -12.32 37.33
CA PHE A 15 -18.30 -11.38 36.60
C PHE A 15 -18.79 -9.98 36.91
N THR A 16 -17.88 -9.14 37.42
CA THR A 16 -18.18 -7.75 37.72
C THR A 16 -16.88 -6.94 37.75
N ASP A 17 -17.06 -5.61 37.71
CA ASP A 17 -15.97 -4.65 37.71
C ASP A 17 -16.02 -3.79 38.97
N ALA A 18 -14.86 -3.23 39.34
CA ALA A 18 -14.77 -2.20 40.37
C ALA A 18 -13.60 -1.27 40.01
N LYS A 19 -13.32 -0.32 40.92
CA LYS A 19 -12.13 0.52 40.87
C LYS A 19 -11.09 -0.08 41.81
N GLU A 20 -9.80 0.13 41.49
CA GLU A 20 -8.73 -0.14 42.44
C GLU A 20 -9.00 0.57 43.77
N SER A 21 -9.72 1.70 43.70
CA SER A 21 -9.94 2.59 44.84
C SER A 21 -11.16 2.19 45.67
N SER A 22 -11.99 1.27 45.15
CA SER A 22 -13.06 0.65 45.90
C SER A 22 -12.51 -0.11 47.10
N THR A 23 -13.33 -0.25 48.15
CA THR A 23 -12.98 -1.06 49.32
C THR A 23 -13.60 -2.46 49.18
N VAL A 24 -13.04 -3.44 49.90
CA VAL A 24 -13.58 -4.80 49.95
C VAL A 24 -15.05 -4.75 50.37
N PHE A 25 -15.36 -3.85 51.29
CA PHE A 25 -16.72 -3.62 51.78
C PHE A 25 -17.65 -3.26 50.61
N GLU A 26 -17.29 -2.26 49.82
CA GLU A 26 -18.17 -1.79 48.75
C GLU A 26 -18.38 -2.86 47.69
N LEU A 27 -17.44 -3.82 47.59
CA LEU A 27 -17.56 -4.98 46.73
C LEU A 27 -18.42 -6.08 47.37
N LYS A 28 -18.50 -6.08 48.71
CA LYS A 28 -19.45 -6.92 49.41
C LYS A 28 -20.87 -6.40 49.19
N ARG A 29 -21.03 -5.10 48.95
CA ARG A 29 -22.35 -4.53 48.71
C ARG A 29 -22.74 -4.72 47.24
N ILE A 30 -21.76 -4.91 46.37
CA ILE A 30 -22.06 -5.28 44.99
C ILE A 30 -22.63 -6.70 44.99
N VAL A 31 -21.98 -7.60 45.74
CA VAL A 31 -22.37 -8.99 45.85
C VAL A 31 -23.73 -9.13 46.52
N GLU A 32 -24.12 -8.13 47.32
CA GLU A 32 -25.42 -8.05 47.96
C GLU A 32 -26.50 -7.72 46.91
N GLY A 33 -26.17 -6.83 45.97
CA GLY A 33 -27.05 -6.53 44.86
C GLY A 33 -27.46 -7.80 44.13
N ILE A 34 -26.49 -8.70 43.92
CA ILE A 34 -26.62 -9.92 43.12
C ILE A 34 -27.17 -11.08 43.97
N LEU A 35 -26.37 -11.53 44.95
CA LEU A 35 -26.63 -12.80 45.62
C LEU A 35 -27.55 -12.63 46.83
N LYS A 36 -27.92 -11.38 47.17
CA LYS A 36 -28.86 -11.05 48.23
C LYS A 36 -28.47 -11.69 49.57
N ARG A 37 -27.23 -11.43 49.98
CA ARG A 37 -26.73 -11.75 51.31
C ARG A 37 -25.95 -10.53 51.80
N PRO A 38 -26.20 -10.00 53.03
CA PRO A 38 -25.57 -8.76 53.47
C PRO A 38 -24.06 -8.91 53.65
N PRO A 39 -23.30 -7.79 53.70
CA PRO A 39 -21.84 -7.82 53.89
C PRO A 39 -21.33 -8.39 55.22
N ASP A 40 -22.20 -8.52 56.23
CA ASP A 40 -21.84 -9.17 57.48
C ASP A 40 -21.88 -10.69 57.32
N GLU A 41 -22.50 -11.18 56.23
CA GLU A 41 -22.63 -12.61 55.98
C GLU A 41 -21.58 -13.05 54.96
N GLN A 42 -20.72 -12.15 54.50
CA GLN A 42 -19.73 -12.49 53.50
C GLN A 42 -18.33 -12.36 54.05
N ARG A 43 -17.47 -13.30 53.65
CA ARG A 43 -16.02 -13.16 53.76
C ARG A 43 -15.43 -13.35 52.36
N LEU A 44 -14.72 -12.33 51.85
CA LEU A 44 -14.06 -12.38 50.54
C LEU A 44 -12.56 -12.72 50.75
N TYR A 45 -11.98 -13.50 49.84
CA TYR A 45 -10.57 -13.92 49.94
C TYR A 45 -9.81 -13.63 48.66
N LYS A 46 -8.48 -13.58 48.76
CA LYS A 46 -7.58 -13.69 47.62
C LYS A 46 -6.56 -14.79 47.92
N ASP A 47 -6.57 -15.84 47.08
CA ASP A 47 -5.91 -17.10 47.38
C ASP A 47 -6.46 -17.60 48.71
N ASP A 48 -5.65 -17.48 49.78
CA ASP A 48 -6.00 -17.95 51.11
C ASP A 48 -6.30 -16.79 52.05
N GLN A 49 -5.95 -15.56 51.65
CA GLN A 49 -5.85 -14.44 52.57
C GLN A 49 -7.19 -13.72 52.68
N LEU A 50 -7.77 -13.72 53.90
CA LEU A 50 -9.00 -13.00 54.22
C LEU A 50 -8.76 -11.50 54.02
N LEU A 51 -9.59 -10.87 53.20
CA LEU A 51 -9.39 -9.49 52.82
C LEU A 51 -10.16 -8.60 53.80
N ASP A 52 -9.50 -7.55 54.34
CA ASP A 52 -10.15 -6.67 55.29
C ASP A 52 -10.96 -5.61 54.56
N ASP A 53 -12.13 -5.28 55.14
CA ASP A 53 -13.15 -4.43 54.54
C ASP A 53 -12.71 -2.99 54.30
N GLY A 54 -11.57 -2.57 54.87
CA GLY A 54 -11.17 -1.17 54.86
C GLY A 54 -10.06 -0.87 53.86
N LYS A 55 -9.38 -1.92 53.41
CA LYS A 55 -8.35 -1.85 52.38
C LYS A 55 -9.01 -1.78 51.01
N THR A 56 -8.41 -1.01 50.08
CA THR A 56 -8.93 -0.94 48.72
C THR A 56 -8.58 -2.22 48.00
N LEU A 57 -9.27 -2.49 46.89
CA LEU A 57 -8.96 -3.61 46.02
C LEU A 57 -7.50 -3.51 45.59
N GLY A 58 -7.08 -2.32 45.14
CA GLY A 58 -5.69 -2.03 44.82
C GLY A 58 -4.72 -2.48 45.90
N GLU A 59 -4.98 -2.10 47.16
CA GLU A 59 -4.12 -2.47 48.28
C GLU A 59 -4.11 -4.00 48.47
N CYS A 60 -5.19 -4.71 48.12
CA CYS A 60 -5.23 -6.17 48.22
C CYS A 60 -4.54 -6.86 47.06
N GLY A 61 -3.97 -6.09 46.12
CA GLY A 61 -3.16 -6.62 45.04
C GLY A 61 -3.92 -6.72 43.73
N PHE A 62 -5.07 -6.03 43.63
CA PHE A 62 -5.95 -6.13 42.46
C PHE A 62 -5.82 -4.88 41.61
N THR A 63 -4.95 -4.94 40.60
CA THR A 63 -4.57 -3.77 39.82
C THR A 63 -5.15 -3.87 38.40
N SER A 64 -5.15 -2.75 37.68
CA SER A 64 -5.47 -2.73 36.26
C SER A 64 -4.61 -3.74 35.50
N GLN A 65 -3.37 -3.98 36.00
CA GLN A 65 -2.44 -4.89 35.35
C GLN A 65 -2.75 -6.37 35.65
N THR A 66 -3.39 -6.70 36.79
CA THR A 66 -3.66 -8.08 37.19
C THR A 66 -5.16 -8.43 37.21
N ALA A 67 -6.04 -7.46 36.92
CA ALA A 67 -7.48 -7.72 36.87
C ALA A 67 -8.08 -7.12 35.60
N ARG A 68 -7.87 -7.82 34.47
CA ARG A 68 -8.20 -7.27 33.16
C ARG A 68 -9.50 -7.89 32.65
N PRO A 69 -10.20 -7.21 31.71
CA PRO A 69 -11.42 -7.74 31.11
C PRO A 69 -11.23 -9.14 30.52
N GLN A 70 -10.11 -9.35 29.81
CA GLN A 70 -9.84 -10.61 29.14
C GLN A 70 -9.15 -11.62 30.05
N ALA A 71 -8.67 -11.19 31.24
CA ALA A 71 -8.12 -12.08 32.25
C ALA A 71 -8.41 -11.54 33.65
N PRO A 72 -9.62 -11.78 34.18
CA PRO A 72 -10.04 -11.27 35.48
C PRO A 72 -9.43 -12.01 36.67
N ALA A 73 -9.23 -11.28 37.78
CA ALA A 73 -8.70 -11.81 39.02
C ALA A 73 -9.81 -12.48 39.83
N THR A 74 -9.46 -13.58 40.50
CA THR A 74 -10.41 -14.43 41.24
C THR A 74 -10.52 -13.95 42.70
N VAL A 75 -11.78 -13.71 43.14
CA VAL A 75 -12.10 -13.38 44.52
C VAL A 75 -12.95 -14.50 45.13
N GLY A 76 -12.40 -15.24 46.10
CA GLY A 76 -13.14 -16.27 46.83
C GLY A 76 -14.23 -15.70 47.74
N LEU A 77 -15.33 -16.45 47.90
CA LEU A 77 -16.45 -16.01 48.73
C LEU A 77 -16.97 -17.18 49.58
N ALA A 78 -17.06 -16.93 50.90
CA ALA A 78 -17.64 -17.86 51.85
C ALA A 78 -18.60 -17.09 52.74
N PHE A 79 -19.74 -17.72 53.07
CA PHE A 79 -20.83 -17.09 53.79
C PHE A 79 -20.83 -17.49 55.28
N ARG A 80 -21.43 -16.62 56.13
CA ARG A 80 -21.83 -16.97 57.49
C ARG A 80 -23.35 -16.96 57.57
N ALA A 81 -23.91 -17.90 58.35
CA ALA A 81 -25.34 -18.02 58.58
C ALA A 81 -25.58 -18.18 60.08
N ASP A 82 -25.56 -17.05 60.79
CA ASP A 82 -25.82 -16.96 62.23
C ASP A 82 -24.56 -17.35 63.00
N ASP A 83 -24.49 -18.62 63.46
CA ASP A 83 -23.34 -19.12 64.20
C ASP A 83 -22.59 -20.17 63.40
N THR A 84 -22.91 -20.26 62.10
CA THR A 84 -22.35 -21.27 61.22
C THR A 84 -21.50 -20.58 60.16
N PHE A 85 -20.25 -21.02 60.06
CA PHE A 85 -19.28 -20.42 59.15
C PHE A 85 -18.82 -21.52 58.19
N GLU A 86 -18.96 -21.28 56.88
CA GLU A 86 -18.47 -22.21 55.88
C GLU A 86 -17.04 -21.78 55.49
N ALA A 87 -16.16 -22.76 55.29
CA ALA A 87 -14.80 -22.52 54.82
C ALA A 87 -14.84 -22.36 53.31
N LEU A 88 -14.08 -21.40 52.77
CA LEU A 88 -13.98 -21.15 51.33
C LEU A 88 -13.77 -22.46 50.58
N CYS A 89 -14.66 -22.70 49.61
CA CYS A 89 -14.64 -23.90 48.80
C CYS A 89 -15.02 -23.50 47.37
N ILE A 90 -14.06 -23.61 46.44
CA ILE A 90 -14.31 -23.30 45.04
C ILE A 90 -14.12 -24.57 44.21
N GLU A 91 -15.19 -24.97 43.52
CA GLU A 91 -15.12 -26.13 42.64
C GLU A 91 -14.40 -25.68 41.37
N PRO A 92 -13.31 -26.39 40.99
CA PRO A 92 -12.55 -26.02 39.80
C PRO A 92 -13.36 -26.33 38.54
N PHE A 93 -13.06 -25.57 37.46
CA PHE A 93 -13.64 -25.81 36.14
C PHE A 93 -13.18 -27.17 35.59
N SER A 94 -13.88 -27.62 34.56
CA SER A 94 -13.46 -28.78 33.77
C SER A 94 -12.11 -28.49 33.11
N SER A 95 -11.28 -29.53 32.97
CA SER A 95 -10.10 -29.49 32.11
C SER A 95 -10.51 -29.59 30.65
N PRO A 96 -9.67 -29.18 29.68
CA PRO A 96 -9.93 -29.48 28.28
C PRO A 96 -9.40 -30.88 28.00
N PRO A 97 -9.66 -31.47 26.81
CA PRO A 97 -9.01 -32.72 26.42
C PRO A 97 -7.52 -32.48 26.25
N GLU A 98 -6.73 -33.55 26.28
CA GLU A 98 -5.35 -33.48 25.84
C GLU A 98 -5.33 -32.91 24.42
N LEU A 99 -4.49 -31.88 24.22
CA LEU A 99 -4.38 -31.19 22.94
C LEU A 99 -4.15 -32.21 21.82
N PRO A 100 -4.80 -32.05 20.64
CA PRO A 100 -4.65 -33.02 19.54
C PRO A 100 -3.29 -32.99 18.86
N ASP A 101 -2.93 -34.10 18.20
CA ASP A 101 -1.61 -34.29 17.62
C ASP A 101 -1.25 -33.18 16.62
N VAL A 102 -2.20 -32.68 15.82
CA VAL A 102 -1.90 -31.72 14.77
C VAL A 102 -1.83 -30.29 15.30
N MET A 103 -2.02 -30.10 16.62
CA MET A 103 -1.90 -28.78 17.20
C MET A 103 -0.60 -28.66 17.99
N LYS A 104 0.12 -29.79 18.11
CA LYS A 104 1.52 -29.78 18.50
C LYS A 104 2.35 -29.43 17.26
N MET B 3 -29.04 -5.53 36.20
CA MET B 3 -29.61 -6.72 35.53
C MET B 3 -28.49 -7.68 35.17
N TYR B 4 -28.52 -8.86 35.78
CA TYR B 4 -27.58 -9.93 35.53
C TYR B 4 -28.35 -11.14 35.01
N VAL B 5 -27.64 -12.09 34.38
CA VAL B 5 -28.25 -13.32 33.89
C VAL B 5 -27.37 -14.48 34.31
N LYS B 6 -27.99 -15.63 34.56
CA LYS B 6 -27.27 -16.83 34.91
C LYS B 6 -27.08 -17.65 33.64
N LEU B 7 -25.85 -18.10 33.41
CA LEU B 7 -25.54 -19.00 32.31
C LEU B 7 -24.97 -20.28 32.91
N ILE B 8 -25.73 -21.37 32.86
CA ILE B 8 -25.25 -22.62 33.45
C ILE B 8 -24.52 -23.45 32.40
N SER B 9 -23.34 -23.95 32.76
CA SER B 9 -22.57 -24.78 31.85
C SER B 9 -23.08 -26.21 31.88
N SER B 10 -22.43 -27.06 31.06
CA SER B 10 -22.83 -28.45 30.88
C SER B 10 -22.45 -29.28 32.09
N ASP B 11 -21.52 -28.82 32.93
CA ASP B 11 -21.03 -29.59 34.07
C ASP B 11 -21.60 -29.07 35.41
N GLY B 12 -22.40 -28.00 35.37
CA GLY B 12 -23.12 -27.56 36.54
C GLY B 12 -22.81 -26.11 36.90
N HIS B 13 -21.64 -25.60 36.49
CA HIS B 13 -21.17 -24.30 36.96
C HIS B 13 -22.07 -23.18 36.45
N GLU B 14 -22.45 -22.30 37.38
CA GLU B 14 -23.29 -21.16 37.07
C GLU B 14 -22.41 -19.91 36.95
N PHE B 15 -22.79 -19.02 36.03
CA PHE B 15 -21.97 -17.88 35.66
C PHE B 15 -22.86 -16.65 35.63
N ILE B 16 -22.56 -15.66 36.47
CA ILE B 16 -23.47 -14.54 36.65
C ILE B 16 -22.82 -13.29 36.08
N VAL B 17 -23.33 -12.90 34.90
CA VAL B 17 -22.76 -11.86 34.07
C VAL B 17 -23.84 -10.81 33.86
N LYS B 18 -23.44 -9.57 33.54
CA LYS B 18 -24.41 -8.53 33.20
C LYS B 18 -25.25 -9.00 32.00
N ARG B 19 -26.49 -8.50 31.93
CA ARG B 19 -27.38 -8.82 30.82
C ARG B 19 -26.74 -8.34 29.51
N GLU B 20 -26.50 -7.02 29.41
CA GLU B 20 -25.93 -6.39 28.22
C GLU B 20 -24.77 -7.21 27.68
N HIS B 21 -23.92 -7.71 28.59
CA HIS B 21 -22.75 -8.50 28.25
C HIS B 21 -23.13 -9.79 27.52
N ALA B 22 -24.13 -10.51 28.04
CA ALA B 22 -24.53 -11.80 27.50
C ALA B 22 -25.25 -11.64 26.15
N LEU B 23 -25.87 -10.47 25.93
CA LEU B 23 -26.63 -10.20 24.70
C LEU B 23 -25.71 -9.86 23.53
N THR B 24 -24.39 -9.91 23.77
CA THR B 24 -23.38 -10.05 22.73
C THR B 24 -23.75 -11.22 21.81
N SER B 25 -24.14 -12.35 22.40
CA SER B 25 -24.57 -13.51 21.62
C SER B 25 -26.04 -13.34 21.27
N GLY B 26 -26.35 -13.52 19.98
CA GLY B 26 -27.72 -13.66 19.50
C GLY B 26 -28.33 -14.99 19.92
N THR B 27 -27.50 -16.05 19.97
CA THR B 27 -27.91 -17.36 20.47
C THR B 27 -28.42 -17.23 21.92
N ILE B 28 -27.73 -16.41 22.71
CA ILE B 28 -28.14 -16.25 24.10
C ILE B 28 -29.39 -15.36 24.18
N LYS B 29 -29.47 -14.30 23.36
CA LYS B 29 -30.63 -13.43 23.38
C LYS B 29 -31.91 -14.24 23.12
N ALA B 30 -31.80 -15.29 22.30
CA ALA B 30 -32.92 -16.13 21.89
C ALA B 30 -33.29 -17.10 23.01
N MET B 31 -32.28 -17.74 23.61
CA MET B 31 -32.48 -18.71 24.68
C MET B 31 -33.12 -18.05 25.91
N LEU B 32 -32.87 -16.74 26.09
CA LEU B 32 -33.49 -15.98 27.16
C LEU B 32 -34.98 -15.75 26.95
N SER B 33 -35.44 -15.74 25.68
CA SER B 33 -36.86 -15.53 25.35
C SER B 33 -37.61 -16.84 25.03
N GLY B 34 -36.93 -17.81 24.39
CA GLY B 34 -37.50 -19.11 24.02
C GLY B 34 -36.51 -20.24 24.26
N THR B 43 -37.79 -17.84 34.29
CA THR B 43 -36.37 -17.88 34.72
C THR B 43 -35.56 -17.19 33.64
N ASN B 44 -34.61 -16.33 34.06
CA ASN B 44 -33.64 -15.68 33.17
C ASN B 44 -32.29 -16.37 33.35
N GLU B 45 -32.35 -17.71 33.38
CA GLU B 45 -31.16 -18.54 33.35
C GLU B 45 -31.07 -19.09 31.93
N VAL B 46 -29.97 -19.76 31.62
CA VAL B 46 -29.76 -20.33 30.30
C VAL B 46 -28.85 -21.53 30.47
N ASN B 47 -29.33 -22.68 29.96
CA ASN B 47 -28.65 -23.95 30.14
C ASN B 47 -27.98 -24.41 28.85
N PHE B 48 -26.64 -24.43 28.86
CA PHE B 48 -25.85 -25.03 27.81
C PHE B 48 -25.64 -26.51 28.14
N ARG B 49 -25.88 -27.36 27.12
CA ARG B 49 -25.98 -28.80 27.27
C ARG B 49 -24.67 -29.47 26.85
N GLU B 50 -23.76 -28.69 26.23
CA GLU B 50 -22.50 -29.20 25.68
C GLU B 50 -21.31 -28.34 26.10
N ILE B 51 -21.49 -27.00 26.16
CA ILE B 51 -20.43 -26.05 26.49
C ILE B 51 -20.05 -26.18 27.96
N PRO B 52 -18.84 -26.69 28.32
CA PRO B 52 -18.44 -26.82 29.72
C PRO B 52 -17.77 -25.57 30.29
N SER B 53 -17.47 -25.66 31.59
CA SER B 53 -17.20 -24.52 32.45
C SER B 53 -15.97 -23.74 32.00
N HIS B 54 -14.88 -24.46 31.68
CA HIS B 54 -13.65 -23.82 31.27
C HIS B 54 -13.86 -22.99 29.99
N VAL B 55 -14.78 -23.45 29.12
CA VAL B 55 -15.09 -22.76 27.90
C VAL B 55 -16.05 -21.60 28.17
N LEU B 56 -17.12 -21.87 28.94
CA LEU B 56 -18.13 -20.85 29.17
C LEU B 56 -17.54 -19.69 29.97
N SER B 57 -16.60 -20.00 30.88
CA SER B 57 -15.92 -18.96 31.64
C SER B 57 -15.11 -18.08 30.68
N LYS B 58 -14.44 -18.71 29.70
CA LYS B 58 -13.68 -17.95 28.73
C LYS B 58 -14.64 -17.07 27.90
N VAL B 59 -15.79 -17.62 27.55
CA VAL B 59 -16.76 -16.92 26.71
C VAL B 59 -17.21 -15.66 27.42
N CYS B 60 -17.39 -15.80 28.74
CA CYS B 60 -17.79 -14.68 29.59
C CYS B 60 -16.68 -13.63 29.62
N MET B 61 -15.43 -14.08 29.67
CA MET B 61 -14.28 -13.18 29.62
C MET B 61 -14.33 -12.42 28.30
N TYR B 62 -14.68 -13.12 27.20
CA TYR B 62 -14.84 -12.47 25.91
C TYR B 62 -15.88 -11.35 25.98
N PHE B 63 -17.02 -11.63 26.61
CA PHE B 63 -18.10 -10.68 26.69
C PHE B 63 -17.67 -9.37 27.38
N THR B 64 -16.75 -9.46 28.35
CA THR B 64 -16.37 -8.28 29.13
C THR B 64 -15.26 -7.51 28.39
N TYR B 65 -14.40 -8.27 27.70
CA TYR B 65 -13.46 -7.75 26.73
C TYR B 65 -14.17 -6.96 25.61
N LYS B 66 -15.24 -7.54 25.06
CA LYS B 66 -15.94 -6.94 23.93
C LYS B 66 -16.54 -5.60 24.35
N VAL B 67 -17.32 -5.58 25.43
CA VAL B 67 -18.11 -4.41 25.80
C VAL B 67 -17.20 -3.24 26.19
N ARG B 68 -16.10 -3.55 26.89
CA ARG B 68 -15.21 -2.54 27.43
C ARG B 68 -14.53 -1.81 26.26
N TYR B 69 -13.82 -2.61 25.45
CA TYR B 69 -12.82 -2.14 24.50
C TYR B 69 -13.45 -1.74 23.16
N THR B 70 -14.70 -2.11 22.94
CA THR B 70 -15.44 -1.57 21.82
C THR B 70 -15.64 -0.07 22.06
N ASN B 71 -15.14 0.73 21.10
CA ASN B 71 -15.23 2.18 21.06
C ASN B 71 -14.42 2.82 22.19
N SER B 72 -13.23 2.25 22.49
CA SER B 72 -12.38 2.74 23.56
C SER B 72 -11.53 3.94 23.08
N SER B 73 -10.82 3.76 21.95
CA SER B 73 -9.83 4.71 21.43
C SER B 73 -8.49 4.55 22.16
N THR B 74 -8.31 3.43 22.89
CA THR B 74 -7.07 3.12 23.59
C THR B 74 -6.37 1.95 22.89
N GLU B 75 -5.18 1.59 23.39
CA GLU B 75 -4.59 0.31 23.03
C GLU B 75 -5.50 -0.80 23.55
N ILE B 76 -6.31 -1.34 22.63
CA ILE B 76 -6.95 -2.63 22.80
C ILE B 76 -5.84 -3.68 22.94
N PRO B 77 -5.76 -4.45 24.05
CA PRO B 77 -4.85 -5.59 24.13
C PRO B 77 -5.37 -6.80 23.34
N GLU B 78 -4.49 -7.79 23.16
CA GLU B 78 -4.87 -9.04 22.53
C GLU B 78 -5.82 -9.81 23.46
N PHE B 79 -6.78 -10.53 22.86
CA PHE B 79 -7.54 -11.57 23.56
C PHE B 79 -6.74 -12.87 23.54
N PRO B 80 -6.21 -13.33 24.71
CA PRO B 80 -5.38 -14.54 24.75
C PRO B 80 -6.21 -15.82 24.74
N ILE B 81 -5.74 -16.84 23.98
CA ILE B 81 -6.40 -18.12 23.91
C ILE B 81 -5.35 -19.23 23.96
N ALA B 82 -5.23 -19.90 25.11
CA ALA B 82 -4.34 -21.03 25.21
C ALA B 82 -4.67 -22.02 24.11
N PRO B 83 -3.66 -22.70 23.52
CA PRO B 83 -3.91 -23.76 22.54
C PRO B 83 -4.96 -24.78 22.97
N GLU B 84 -4.91 -25.17 24.24
CA GLU B 84 -5.65 -26.31 24.75
C GLU B 84 -7.15 -26.07 24.62
N ILE B 85 -7.56 -24.79 24.55
CA ILE B 85 -8.96 -24.39 24.65
C ILE B 85 -9.46 -23.77 23.35
N ALA B 86 -8.61 -23.73 22.32
CA ALA B 86 -8.92 -22.97 21.12
C ALA B 86 -10.08 -23.63 20.37
N LEU B 87 -10.02 -24.96 20.22
CA LEU B 87 -10.92 -25.68 19.35
C LEU B 87 -12.35 -25.63 19.90
N GLU B 88 -12.48 -25.94 21.19
CA GLU B 88 -13.76 -25.95 21.87
C GLU B 88 -14.36 -24.55 21.85
N LEU B 89 -13.50 -23.55 22.02
CA LEU B 89 -13.96 -22.18 22.14
C LEU B 89 -14.43 -21.63 20.79
N LEU B 90 -13.69 -21.98 19.73
CA LEU B 90 -14.11 -21.83 18.34
C LEU B 90 -15.51 -22.39 18.13
N MET B 91 -15.69 -23.66 18.56
CA MET B 91 -16.96 -24.36 18.38
C MET B 91 -18.08 -23.61 19.10
N ALA B 92 -17.85 -23.28 20.37
CA ALA B 92 -18.78 -22.52 21.19
C ALA B 92 -19.14 -21.18 20.56
N ALA B 93 -18.10 -20.42 20.19
CA ALA B 93 -18.29 -19.12 19.56
C ALA B 93 -19.12 -19.28 18.31
N ASN B 94 -18.83 -20.37 17.56
CA ASN B 94 -19.54 -20.60 16.33
C ASN B 94 -21.03 -20.79 16.63
N PHE B 95 -21.31 -21.57 17.68
CA PHE B 95 -22.67 -21.85 18.13
C PHE B 95 -23.33 -20.58 18.67
N LEU B 96 -22.60 -19.82 19.50
CA LEU B 96 -23.19 -18.64 20.12
C LEU B 96 -23.22 -17.49 19.12
N ASP B 97 -22.35 -17.59 18.11
CA ASP B 97 -22.20 -16.57 17.09
C ASP B 97 -21.84 -15.23 17.71
N CYS B 98 -20.60 -15.14 18.23
CA CYS B 98 -20.12 -13.95 18.90
C CYS B 98 -18.63 -13.75 18.66
N VAL C 11 -12.01 3.33 -7.57
CA VAL C 11 -12.84 4.05 -6.56
C VAL C 11 -12.05 4.09 -5.24
N LEU C 12 -11.55 2.93 -4.81
CA LEU C 12 -10.74 2.84 -3.60
C LEU C 12 -9.27 2.81 -4.01
N ARG C 13 -8.67 4.01 -4.12
CA ARG C 13 -7.36 4.17 -4.70
C ARG C 13 -6.77 5.52 -4.33
N SER C 14 -5.42 5.59 -4.29
CA SER C 14 -4.68 6.82 -4.06
C SER C 14 -4.83 7.73 -5.27
N VAL C 15 -4.97 9.04 -5.03
CA VAL C 15 -4.96 10.01 -6.12
C VAL C 15 -3.53 10.55 -6.21
N ASN C 16 -3.04 10.80 -7.43
CA ASN C 16 -1.69 11.32 -7.58
C ASN C 16 -1.72 12.85 -7.50
N SER C 17 -1.68 13.34 -6.26
CA SER C 17 -1.72 14.77 -5.92
C SER C 17 -0.32 15.40 -6.08
N ARG C 18 0.70 14.58 -5.79
CA ARG C 18 2.10 14.99 -5.76
C ARG C 18 2.31 16.05 -4.67
N GLU C 19 1.46 16.06 -3.63
CA GLU C 19 1.56 17.03 -2.55
C GLU C 19 2.07 16.33 -1.30
N PRO C 20 3.35 16.53 -0.90
CA PRO C 20 3.96 15.73 0.16
C PRO C 20 3.30 15.90 1.54
N SER C 21 3.41 14.83 2.33
CA SER C 21 2.81 14.74 3.65
C SER C 21 3.66 13.82 4.52
N GLN C 22 4.04 14.36 5.69
CA GLN C 22 4.84 13.64 6.69
C GLN C 22 3.88 12.93 7.62
N VAL C 23 4.11 11.62 7.79
CA VAL C 23 3.19 10.76 8.51
C VAL C 23 4.00 9.98 9.54
N ILE C 24 3.38 9.73 10.71
CA ILE C 24 3.94 8.84 11.70
C ILE C 24 3.07 7.58 11.80
N PHE C 25 3.61 6.49 11.24
CA PHE C 25 3.06 5.15 11.38
C PHE C 25 3.39 4.66 12.78
N CYS C 26 2.39 4.70 13.65
CA CYS C 26 2.56 4.36 15.05
C CYS C 26 1.89 3.01 15.36
N ASN C 27 2.70 1.95 15.48
CA ASN C 27 2.20 0.60 15.73
C ASN C 27 1.86 0.46 17.22
N ARG C 28 0.58 0.68 17.54
CA ARG C 28 0.07 0.50 18.88
C ARG C 28 -0.71 -0.81 18.93
N SER C 29 -0.12 -1.86 18.35
CA SER C 29 -0.67 -3.20 18.39
C SER C 29 0.43 -4.14 18.88
N PRO C 30 0.10 -5.41 19.23
CA PRO C 30 1.12 -6.43 19.53
C PRO C 30 1.50 -7.27 18.31
N ARG C 31 0.94 -6.91 17.15
CA ARG C 31 1.24 -7.59 15.91
C ARG C 31 2.38 -6.87 15.22
N VAL C 32 3.19 -7.64 14.46
CA VAL C 32 4.05 -7.08 13.43
C VAL C 32 3.12 -6.57 12.33
N VAL C 33 3.22 -5.28 12.01
CA VAL C 33 2.30 -4.63 11.08
C VAL C 33 2.93 -4.52 9.69
N LEU C 34 2.09 -4.69 8.66
CA LEU C 34 2.46 -4.46 7.27
C LEU C 34 1.65 -3.25 6.78
N PRO C 35 2.30 -2.10 6.51
CA PRO C 35 1.62 -0.98 5.87
C PRO C 35 1.37 -1.32 4.40
N VAL C 36 0.23 -0.88 3.88
CA VAL C 36 -0.19 -1.29 2.54
C VAL C 36 -0.74 -0.06 1.83
N TRP C 37 -0.03 0.35 0.79
CA TRP C 37 -0.42 1.51 0.01
C TRP C 37 -1.27 1.03 -1.17
N LEU C 38 -2.39 1.72 -1.36
CA LEU C 38 -3.23 1.50 -2.53
C LEU C 38 -2.74 2.44 -3.62
N ASN C 39 -2.23 1.84 -4.70
CA ASN C 39 -1.62 2.60 -5.78
C ASN C 39 -2.72 3.29 -6.56
N PHE C 40 -2.38 3.87 -7.72
CA PHE C 40 -3.29 4.75 -8.43
C PHE C 40 -4.38 3.95 -9.14
N ASP C 41 -4.13 2.66 -9.38
CA ASP C 41 -5.11 1.78 -10.00
C ASP C 41 -5.82 0.94 -8.93
N GLY C 42 -5.60 1.22 -7.65
CA GLY C 42 -6.32 0.58 -6.56
C GLY C 42 -5.65 -0.69 -6.05
N GLU C 43 -4.41 -0.96 -6.48
CA GLU C 43 -3.75 -2.24 -6.20
C GLU C 43 -2.91 -2.09 -4.93
N PRO C 44 -2.84 -3.14 -4.06
CA PRO C 44 -2.14 -3.06 -2.78
C PRO C 44 -0.64 -3.29 -2.88
N GLN C 45 0.15 -2.32 -2.40
CA GLN C 45 1.61 -2.42 -2.39
C GLN C 45 2.09 -2.63 -0.96
N PRO C 46 2.82 -3.75 -0.68
CA PRO C 46 3.43 -3.95 0.63
C PRO C 46 4.60 -3.00 0.86
N TYR C 47 4.70 -2.44 2.07
CA TYR C 47 5.82 -1.63 2.50
C TYR C 47 6.54 -2.33 3.67
N PRO C 48 7.71 -1.82 4.11
CA PRO C 48 8.46 -2.47 5.21
C PRO C 48 7.68 -2.59 6.53
N THR C 49 7.97 -3.65 7.30
CA THR C 49 7.17 -3.99 8.46
C THR C 49 7.60 -3.20 9.71
N LEU C 50 6.62 -2.85 10.58
CA LEU C 50 6.87 -2.25 11.90
C LEU C 50 6.74 -3.31 13.01
N PRO C 51 7.80 -3.57 13.82
CA PRO C 51 7.65 -4.41 15.01
C PRO C 51 6.66 -3.76 15.98
N PRO C 52 6.09 -4.54 16.93
CA PRO C 52 5.15 -4.00 17.91
C PRO C 52 5.80 -2.94 18.79
N GLY C 53 4.98 -2.00 19.27
CA GLY C 53 5.47 -0.89 20.07
C GLY C 53 6.62 -0.12 19.42
N THR C 54 6.55 0.06 18.09
CA THR C 54 7.44 0.96 17.36
C THR C 54 6.59 1.95 16.57
N GLY C 55 7.27 2.96 16.03
CA GLY C 55 6.69 3.96 15.16
C GLY C 55 7.76 4.58 14.26
N ARG C 56 7.34 5.22 13.16
CA ARG C 56 8.27 5.67 12.14
C ARG C 56 7.71 6.87 11.38
N ARG C 57 8.55 7.92 11.28
CA ARG C 57 8.25 9.03 10.40
C ARG C 57 8.51 8.58 8.96
N ILE C 58 7.53 8.81 8.06
CA ILE C 58 7.59 8.31 6.69
C ILE C 58 7.03 9.36 5.74
N HIS C 59 7.51 9.31 4.49
CA HIS C 59 7.14 10.24 3.43
C HIS C 59 6.01 9.67 2.57
N SER C 60 4.82 10.30 2.63
CA SER C 60 3.72 9.99 1.73
C SER C 60 3.22 11.27 1.07
N TYR C 61 1.95 11.28 0.61
CA TYR C 61 1.40 12.40 -0.16
C TYR C 61 -0.06 12.62 0.24
N ARG C 62 -0.61 13.80 -0.08
CA ARG C 62 -2.02 14.08 0.15
C ARG C 62 -2.90 13.18 -0.74
N GLY C 63 -4.06 12.77 -0.23
CA GLY C 63 -5.06 12.06 -1.01
C GLY C 63 -4.75 10.58 -1.23
N HIS C 64 -3.66 10.08 -0.61
CA HIS C 64 -3.24 8.68 -0.75
C HIS C 64 -3.98 7.81 0.26
N LEU C 65 -3.93 6.49 0.06
CA LEU C 65 -4.73 5.54 0.83
C LEU C 65 -3.83 4.45 1.41
N TRP C 66 -4.01 4.20 2.71
CA TRP C 66 -3.28 3.15 3.40
C TRP C 66 -4.22 2.28 4.22
N LEU C 67 -3.86 1.01 4.31
CA LEU C 67 -4.40 0.17 5.37
C LEU C 67 -3.27 -0.72 5.86
N PHE C 68 -3.53 -1.40 6.99
CA PHE C 68 -2.49 -2.09 7.73
C PHE C 68 -3.00 -3.45 8.20
N ARG C 69 -2.06 -4.40 8.25
CA ARG C 69 -2.37 -5.80 8.44
C ARG C 69 -1.31 -6.43 9.33
N ASP C 70 -1.68 -7.55 9.96
CA ASP C 70 -0.66 -8.44 10.46
C ASP C 70 0.17 -8.87 9.27
N ALA C 71 1.49 -8.59 9.30
CA ALA C 71 2.37 -8.90 8.19
C ALA C 71 2.65 -10.40 8.09
N GLY C 72 2.17 -11.19 9.06
CA GLY C 72 2.48 -12.61 9.13
C GLY C 72 1.28 -13.49 8.78
N THR C 73 0.08 -12.94 8.96
CA THR C 73 -1.16 -13.69 8.78
C THR C 73 -2.19 -12.86 8.01
N HIS C 74 -1.94 -11.57 7.82
CA HIS C 74 -2.80 -10.72 7.02
C HIS C 74 -4.13 -10.42 7.71
N ASP C 75 -4.21 -10.68 9.03
CA ASP C 75 -5.31 -10.17 9.81
C ASP C 75 -5.36 -8.66 9.66
N GLY C 76 -6.56 -8.11 9.52
CA GLY C 76 -6.75 -6.68 9.33
C GLY C 76 -6.61 -5.91 10.63
N LEU C 77 -6.16 -4.64 10.54
CA LEU C 77 -5.99 -3.79 11.71
C LEU C 77 -6.67 -2.46 11.44
N LEU C 78 -6.94 -1.72 12.52
CA LEU C 78 -7.54 -0.40 12.42
C LEU C 78 -6.43 0.63 12.38
N VAL C 79 -6.76 1.84 11.93
CA VAL C 79 -5.84 2.95 11.94
C VAL C 79 -6.68 4.20 12.22
N ASN C 80 -6.40 4.88 13.33
CA ASN C 80 -7.22 6.00 13.75
C ASN C 80 -8.69 5.58 13.73
N GLN C 81 -8.93 4.38 14.27
CA GLN C 81 -10.26 3.90 14.64
C GLN C 81 -11.04 3.39 13.43
N THR C 82 -10.41 3.27 12.26
CA THR C 82 -11.12 3.00 11.01
C THR C 82 -10.25 2.06 10.16
N GLU C 83 -10.72 1.74 8.94
CA GLU C 83 -10.09 0.73 8.10
C GLU C 83 -9.00 1.38 7.22
N LEU C 84 -9.29 2.56 6.67
CA LEU C 84 -8.42 3.26 5.73
C LEU C 84 -7.83 4.53 6.35
N PHE C 85 -6.60 4.86 5.92
CA PHE C 85 -5.90 6.07 6.32
C PHE C 85 -5.54 6.93 5.10
N VAL C 86 -5.80 8.22 5.18
CA VAL C 86 -5.63 9.12 4.05
C VAL C 86 -4.88 10.39 4.48
N PRO C 87 -3.55 10.53 4.21
CA PRO C 87 -2.82 11.75 4.58
C PRO C 87 -3.44 13.03 4.04
N SER C 88 -3.45 14.09 4.85
CA SER C 88 -3.84 15.42 4.41
C SER C 88 -2.58 16.31 4.43
N LEU C 89 -2.73 17.63 4.25
CA LEU C 89 -1.60 18.56 4.36
C LEU C 89 -1.18 18.71 5.82
N ASN C 90 0.14 18.70 6.08
CA ASN C 90 0.69 19.02 7.39
C ASN C 90 0.33 20.48 7.71
N VAL C 91 -0.02 20.75 8.97
CA VAL C 91 -0.30 22.12 9.37
C VAL C 91 0.65 22.51 10.50
N ASP C 92 1.17 23.74 10.43
CA ASP C 92 1.95 24.30 11.52
C ASP C 92 3.13 23.37 11.82
N GLY C 93 3.63 22.66 10.79
CA GLY C 93 4.81 21.82 10.91
C GLY C 93 4.55 20.52 11.67
N GLN C 94 3.29 20.08 11.72
CA GLN C 94 2.95 18.91 12.53
C GLN C 94 2.74 17.67 11.65
N PRO C 95 3.42 16.54 11.97
CA PRO C 95 3.24 15.30 11.23
C PRO C 95 1.87 14.75 11.57
N ILE C 96 1.40 13.80 10.76
CA ILE C 96 0.09 13.23 11.00
C ILE C 96 0.25 11.81 11.50
N PHE C 97 -0.55 11.46 12.49
CA PHE C 97 -0.39 10.19 13.16
C PHE C 97 -1.40 9.19 12.60
N ALA C 98 -0.86 8.06 12.15
CA ALA C 98 -1.64 6.88 11.87
C ALA C 98 -1.39 5.91 13.00
N ASN C 99 -2.39 5.79 13.89
CA ASN C 99 -2.28 4.92 15.04
C ASN C 99 -2.86 3.57 14.68
N ILE C 100 -1.95 2.62 14.44
CA ILE C 100 -2.32 1.26 14.10
C ILE C 100 -2.76 0.58 15.39
N THR C 101 -4.01 0.13 15.40
CA THR C 101 -4.67 -0.43 16.57
C THR C 101 -5.19 -1.80 16.15
N LEU C 102 -5.29 -2.74 17.10
CA LEU C 102 -6.11 -3.94 16.92
C LEU C 102 -7.57 -3.53 16.87
N PRO C 103 -8.41 -4.27 16.11
CA PRO C 103 -9.86 -4.21 16.30
C PRO C 103 -10.34 -5.16 17.41
N VAL C 104 -11.62 -5.01 17.80
CA VAL C 104 -12.24 -6.05 18.60
C VAL C 104 -12.70 -7.13 17.64
N TYR C 105 -11.84 -8.15 17.38
CA TYR C 105 -12.27 -9.31 16.62
C TYR C 105 -13.45 -9.95 17.32
N THR C 106 -14.33 -10.60 16.55
CA THR C 106 -15.30 -11.51 17.13
C THR C 106 -14.51 -12.67 17.76
N LEU C 107 -15.09 -13.32 18.75
CA LEU C 107 -14.43 -14.44 19.38
C LEU C 107 -14.13 -15.50 18.32
N LYS C 108 -15.12 -15.79 17.47
CA LYS C 108 -14.94 -16.77 16.42
C LYS C 108 -13.72 -16.41 15.58
N GLU C 109 -13.67 -15.16 15.09
CA GLU C 109 -12.57 -14.75 14.24
C GLU C 109 -11.24 -14.97 14.93
N ARG C 110 -11.18 -14.63 16.22
CA ARG C 110 -9.96 -14.78 16.99
C ARG C 110 -9.63 -16.28 17.14
N CYS C 111 -10.65 -17.12 17.38
CA CYS C 111 -10.44 -18.54 17.57
C CYS C 111 -9.87 -19.18 16.31
N LEU C 112 -10.24 -18.60 15.16
CA LEU C 112 -9.74 -19.05 13.86
C LEU C 112 -8.26 -18.65 13.72
N GLN C 113 -7.94 -17.39 14.09
CA GLN C 113 -6.57 -16.89 14.07
C GLN C 113 -5.67 -17.88 14.80
N VAL C 114 -6.10 -18.32 15.98
CA VAL C 114 -5.26 -19.10 16.89
C VAL C 114 -5.04 -20.50 16.34
N VAL C 115 -6.12 -21.11 15.83
CA VAL C 115 -6.07 -22.46 15.30
C VAL C 115 -5.26 -22.46 14.00
N ARG C 116 -5.48 -21.42 13.17
CA ARG C 116 -4.73 -21.25 11.94
C ARG C 116 -3.23 -21.29 12.24
N SER C 117 -2.81 -20.64 13.34
CA SER C 117 -1.39 -20.50 13.64
C SER C 117 -0.83 -21.73 14.34
N LEU C 118 -1.68 -22.69 14.71
CA LEU C 118 -1.24 -23.90 15.39
C LEU C 118 -1.26 -25.08 14.44
N VAL C 119 -1.95 -24.91 13.29
CA VAL C 119 -2.30 -26.02 12.41
C VAL C 119 -1.92 -25.69 10.96
N LYS C 120 -1.08 -26.58 10.36
CA LYS C 120 -0.72 -26.51 8.94
C LYS C 120 -1.99 -26.73 8.10
N PRO C 121 -2.32 -25.88 7.09
CA PRO C 121 -3.58 -26.02 6.34
C PRO C 121 -3.82 -27.35 5.63
N GLU C 122 -2.73 -28.10 5.36
CA GLU C 122 -2.80 -29.46 4.85
C GLU C 122 -3.21 -30.44 5.96
N ASN C 123 -4.09 -30.00 6.88
CA ASN C 123 -4.35 -30.72 8.13
C ASN C 123 -5.57 -30.18 8.88
N TYR C 124 -6.12 -29.03 8.44
CA TYR C 124 -7.39 -28.50 8.94
C TYR C 124 -8.46 -29.57 9.01
N ARG C 125 -8.49 -30.51 8.04
CA ARG C 125 -9.58 -31.46 7.91
C ARG C 125 -9.36 -32.71 8.75
N ARG C 126 -8.29 -32.75 9.55
CA ARG C 126 -8.14 -33.83 10.51
C ARG C 126 -8.54 -33.34 11.91
N LEU C 127 -9.02 -32.09 11.99
CA LEU C 127 -9.79 -31.64 13.14
C LEU C 127 -11.18 -32.26 13.07
N ASP C 128 -11.68 -32.75 14.21
CA ASP C 128 -13.02 -33.28 14.29
C ASP C 128 -13.95 -32.12 14.63
N ILE C 129 -14.42 -31.44 13.58
CA ILE C 129 -15.37 -30.34 13.67
C ILE C 129 -16.20 -30.35 12.38
N VAL C 130 -17.37 -29.69 12.40
CA VAL C 130 -18.26 -29.64 11.24
C VAL C 130 -17.52 -29.11 10.01
N ARG C 131 -17.94 -29.54 8.81
CA ARG C 131 -17.38 -29.04 7.55
C ARG C 131 -17.42 -27.51 7.51
N SER C 132 -18.39 -26.89 8.21
CA SER C 132 -18.59 -25.44 8.26
C SER C 132 -17.31 -24.75 8.69
N LEU C 133 -16.67 -25.32 9.71
CA LEU C 133 -15.55 -24.67 10.36
C LEU C 133 -14.27 -24.85 9.55
N TYR C 134 -14.12 -26.02 8.90
CA TYR C 134 -13.06 -26.23 7.92
C TYR C 134 -13.00 -25.04 6.97
N GLU C 135 -14.14 -24.67 6.38
CA GLU C 135 -14.21 -23.61 5.38
C GLU C 135 -13.96 -22.23 5.99
N ASP C 136 -14.33 -22.06 7.26
CA ASP C 136 -14.03 -20.83 7.99
C ASP C 136 -12.51 -20.72 8.20
N LEU C 137 -11.91 -21.84 8.63
CA LEU C 137 -10.46 -22.00 8.76
C LEU C 137 -9.75 -21.63 7.45
N GLU C 138 -10.12 -22.32 6.36
CA GLU C 138 -9.49 -22.15 5.06
C GLU C 138 -9.70 -20.75 4.50
N ASP C 139 -10.82 -20.07 4.82
CA ASP C 139 -11.03 -18.71 4.33
C ASP C 139 -10.07 -17.74 5.02
N HIS C 140 -8.77 -17.87 4.70
CA HIS C 140 -7.72 -17.03 5.24
C HIS C 140 -7.99 -15.57 4.90
N PRO C 141 -7.62 -14.60 5.78
CA PRO C 141 -7.92 -13.19 5.52
C PRO C 141 -7.00 -12.64 4.43
N ASN C 142 -7.54 -11.77 3.58
CA ASN C 142 -6.75 -11.11 2.55
C ASN C 142 -7.36 -9.73 2.32
N VAL C 143 -6.53 -8.80 1.87
CA VAL C 143 -6.93 -7.40 1.82
C VAL C 143 -8.00 -7.23 0.72
N GLN C 144 -7.87 -8.01 -0.34
CA GLN C 144 -8.70 -7.85 -1.52
C GLN C 144 -10.16 -8.14 -1.20
N LYS C 145 -10.40 -9.21 -0.41
CA LYS C 145 -11.73 -9.52 0.08
C LYS C 145 -12.27 -8.33 0.89
N ASP C 146 -11.41 -7.70 1.70
CA ASP C 146 -11.84 -6.63 2.59
C ASP C 146 -12.10 -5.36 1.79
N LEU C 147 -11.15 -5.03 0.90
CA LEU C 147 -11.30 -3.93 -0.05
C LEU C 147 -12.61 -4.04 -0.83
N GLU C 148 -13.02 -5.26 -1.19
CA GLU C 148 -14.27 -5.48 -1.89
C GLU C 148 -15.42 -5.18 -0.94
N ARG C 149 -15.36 -5.74 0.27
CA ARG C 149 -16.43 -5.59 1.24
C ARG C 149 -16.64 -4.10 1.56
N LEU C 150 -15.53 -3.35 1.63
CA LEU C 150 -15.52 -1.96 2.08
C LEU C 150 -15.97 -1.03 0.96
N THR C 151 -15.70 -1.41 -0.30
CA THR C 151 -16.22 -0.69 -1.44
C THR C 151 -17.75 -0.66 -1.35
N GLN C 152 -18.36 -1.77 -0.91
CA GLN C 152 -19.79 -1.99 -1.07
C GLN C 152 -20.59 -1.31 0.05
N GLU C 153 -20.03 -1.26 1.27
CA GLU C 153 -20.65 -0.56 2.39
C GLU C 153 -20.72 0.95 2.14
N ARG C 154 -19.77 1.47 1.33
CA ARG C 154 -19.74 2.88 0.96
C ARG C 154 -20.79 3.18 -0.11
N ILE C 155 -21.34 2.13 -0.75
CA ILE C 155 -22.41 2.28 -1.74
C ILE C 155 -23.78 2.22 -1.06
N ALA C 156 -23.85 1.54 0.10
CA ALA C 156 -24.98 1.67 1.02
C ALA C 156 -24.89 3.02 1.73
N HIS C 157 -23.69 3.37 2.25
CA HIS C 157 -23.41 4.67 2.82
C HIS C 157 -23.05 5.68 1.71
N PRO D 20 2.27 5.42 -46.19
CA PRO D 20 3.42 4.51 -46.15
C PRO D 20 2.98 3.06 -45.98
N ASN D 21 3.90 2.12 -46.26
CA ASN D 21 3.66 0.72 -45.97
C ASN D 21 4.83 0.22 -45.13
N TYR D 22 4.89 0.68 -43.88
CA TYR D 22 5.80 0.14 -42.88
C TYR D 22 5.35 -1.25 -42.49
N ALA D 23 6.23 -2.24 -42.63
CA ALA D 23 5.97 -3.59 -42.12
C ALA D 23 7.11 -3.96 -41.19
N LEU D 24 6.83 -4.88 -40.26
CA LEU D 24 7.82 -5.34 -39.30
C LEU D 24 8.95 -6.00 -40.09
N LYS D 25 10.19 -5.79 -39.62
CA LYS D 25 11.37 -6.39 -40.23
C LYS D 25 12.19 -7.10 -39.16
N PHE D 26 12.40 -6.45 -38.00
CA PHE D 26 13.20 -7.02 -36.93
C PHE D 26 12.55 -6.78 -35.57
N THR D 27 12.83 -7.70 -34.64
CA THR D 27 12.40 -7.60 -33.25
C THR D 27 13.58 -7.88 -32.33
N LEU D 28 13.89 -6.92 -31.46
CA LEU D 28 15.07 -6.96 -30.60
C LEU D 28 14.61 -7.23 -29.17
N ALA D 29 15.05 -8.35 -28.59
CA ALA D 29 14.46 -8.81 -27.34
C ALA D 29 15.54 -9.07 -26.30
N GLY D 30 16.30 -8.03 -25.94
CA GLY D 30 17.51 -8.17 -25.14
C GLY D 30 17.29 -7.83 -23.67
N HIS D 31 16.61 -6.69 -23.44
CA HIS D 31 16.29 -6.22 -22.10
C HIS D 31 15.42 -7.25 -21.39
N THR D 32 15.64 -7.40 -20.07
CA THR D 32 14.83 -8.24 -19.20
C THR D 32 13.77 -7.42 -18.46
N LYS D 33 13.73 -6.09 -18.67
CA LYS D 33 12.68 -5.26 -18.11
C LYS D 33 12.23 -4.24 -19.16
N ALA D 34 11.17 -3.50 -18.84
CA ALA D 34 10.58 -2.53 -19.75
C ALA D 34 11.65 -1.67 -20.40
N VAL D 35 11.35 -1.23 -21.63
CA VAL D 35 12.23 -0.40 -22.44
C VAL D 35 11.68 1.04 -22.45
N SER D 36 12.55 1.98 -22.08
CA SER D 36 12.19 3.38 -21.83
C SER D 36 12.33 4.24 -23.09
N SER D 37 13.47 4.09 -23.80
CA SER D 37 13.77 4.98 -24.91
C SER D 37 14.61 4.27 -25.97
N VAL D 38 14.30 4.59 -27.24
CA VAL D 38 15.09 4.19 -28.40
C VAL D 38 15.41 5.44 -29.23
N LYS D 39 16.69 5.57 -29.57
CA LYS D 39 17.21 6.68 -30.36
C LYS D 39 18.12 6.12 -31.44
N PHE D 40 17.95 6.65 -32.66
CA PHE D 40 18.87 6.37 -33.76
C PHE D 40 20.07 7.29 -33.62
N SER D 41 21.25 6.81 -33.98
CA SER D 41 22.43 7.67 -34.05
C SER D 41 22.28 8.61 -35.24
N PRO D 42 22.73 9.89 -35.17
CA PRO D 42 22.62 10.81 -36.31
C PRO D 42 23.30 10.36 -37.61
N ASN D 43 24.30 9.45 -37.49
CA ASN D 43 25.01 8.84 -38.61
C ASN D 43 24.25 7.62 -39.15
N GLY D 44 23.08 7.32 -38.56
CA GLY D 44 22.15 6.32 -39.08
C GLY D 44 22.60 4.89 -38.80
N GLU D 45 23.70 4.73 -38.08
CA GLU D 45 24.42 3.48 -38.03
C GLU D 45 23.86 2.59 -36.91
N TRP D 46 23.39 3.23 -35.83
CA TRP D 46 23.15 2.56 -34.56
C TRP D 46 21.78 2.93 -34.01
N LEU D 47 21.24 2.02 -33.19
CA LEU D 47 20.10 2.32 -32.34
C LEU D 47 20.53 2.06 -30.90
N ALA D 48 20.36 3.08 -30.05
CA ALA D 48 20.56 2.93 -28.62
C ALA D 48 19.22 2.66 -27.95
N SER D 49 19.20 1.73 -26.99
CA SER D 49 18.03 1.51 -26.16
C SER D 49 18.40 1.60 -24.68
N SER D 50 17.59 2.35 -23.92
CA SER D 50 17.64 2.37 -22.46
C SER D 50 16.50 1.52 -21.90
N SER D 51 16.70 0.97 -20.70
CA SER D 51 15.71 0.06 -20.11
C SER D 51 15.63 0.26 -18.60
N ALA D 52 14.51 -0.19 -18.02
CA ALA D 52 14.34 -0.11 -16.58
C ALA D 52 15.29 -1.10 -15.89
N ASP D 53 15.81 -2.07 -16.66
CA ASP D 53 16.71 -3.10 -16.14
C ASP D 53 18.13 -2.54 -15.94
N LYS D 54 18.29 -1.22 -16.06
CA LYS D 54 19.50 -0.49 -15.66
C LYS D 54 20.51 -0.41 -16.81
N LEU D 55 20.19 -1.04 -17.96
CA LEU D 55 21.15 -1.24 -19.05
C LEU D 55 20.82 -0.33 -20.23
N ILE D 56 21.89 0.11 -20.92
CA ILE D 56 21.80 0.65 -22.27
C ILE D 56 22.33 -0.43 -23.22
N LYS D 57 21.65 -0.59 -24.37
CA LYS D 57 22.09 -1.56 -25.37
C LYS D 57 22.14 -0.89 -26.74
N ILE D 58 23.21 -1.21 -27.49
CA ILE D 58 23.44 -0.68 -28.82
C ILE D 58 23.09 -1.76 -29.85
N TRP D 59 22.36 -1.34 -30.90
CA TRP D 59 21.87 -2.21 -31.96
C TRP D 59 22.28 -1.63 -33.30
N GLY D 60 22.53 -2.52 -34.27
CA GLY D 60 22.60 -2.11 -35.67
C GLY D 60 21.24 -1.57 -36.12
N ALA D 61 21.25 -0.43 -36.82
CA ALA D 61 20.01 0.21 -37.26
C ALA D 61 19.38 -0.57 -38.44
N TYR D 62 20.22 -1.17 -39.30
CA TYR D 62 19.76 -1.79 -40.52
C TYR D 62 19.49 -3.26 -40.26
N ASP D 63 20.47 -3.98 -39.68
CA ASP D 63 20.32 -5.41 -39.55
C ASP D 63 19.91 -5.80 -38.13
N GLY D 64 19.59 -4.80 -37.30
CA GLY D 64 19.09 -5.04 -35.95
C GLY D 64 20.02 -5.90 -35.09
N LYS D 65 21.34 -5.84 -35.33
CA LYS D 65 22.26 -6.78 -34.70
C LYS D 65 22.67 -6.25 -33.33
N PHE D 66 22.69 -7.15 -32.35
CA PHE D 66 23.22 -6.86 -31.03
C PHE D 66 24.68 -6.41 -31.17
N GLU D 67 24.97 -5.19 -30.70
CA GLU D 67 26.31 -4.62 -30.72
C GLU D 67 26.96 -4.77 -29.34
N LYS D 68 26.28 -4.28 -28.29
CA LYS D 68 26.82 -4.34 -26.94
C LYS D 68 25.78 -3.88 -25.91
N THR D 69 26.11 -4.22 -24.64
CA THR D 69 25.48 -3.73 -23.41
C THR D 69 26.40 -2.72 -22.73
N ILE D 70 25.79 -1.69 -22.13
CA ILE D 70 26.49 -0.68 -21.36
C ILE D 70 25.83 -0.64 -19.99
N SER D 71 26.65 -0.72 -18.92
CA SER D 71 26.15 -0.83 -17.56
C SER D 71 26.86 0.19 -16.66
N GLY D 72 26.15 0.61 -15.60
CA GLY D 72 26.65 1.60 -14.67
C GLY D 72 25.56 2.04 -13.69
N HIS D 73 24.52 2.71 -14.21
CA HIS D 73 23.40 3.19 -13.42
C HIS D 73 22.99 2.15 -12.37
N LYS D 74 22.69 2.63 -11.15
CA LYS D 74 22.34 1.78 -10.02
C LYS D 74 20.82 1.57 -9.97
N LEU D 75 20.06 2.36 -10.76
CA LEU D 75 18.63 2.16 -10.95
C LEU D 75 18.30 2.15 -12.44
N GLY D 76 17.02 2.14 -12.76
CA GLY D 76 16.58 2.05 -14.14
C GLY D 76 16.77 3.37 -14.88
N ILE D 77 16.88 3.28 -16.21
CA ILE D 77 17.18 4.41 -17.08
C ILE D 77 15.93 4.77 -17.86
N SER D 78 15.76 6.08 -18.08
CA SER D 78 14.53 6.70 -18.57
C SER D 78 14.67 7.23 -20.01
N ASP D 79 15.80 7.88 -20.33
CA ASP D 79 16.03 8.46 -21.66
C ASP D 79 17.48 8.29 -22.06
N VAL D 80 17.71 8.23 -23.39
CA VAL D 80 19.04 8.25 -24.00
C VAL D 80 19.05 9.35 -25.08
N ALA D 81 20.24 9.91 -25.34
CA ALA D 81 20.39 10.91 -26.38
C ALA D 81 21.80 10.80 -26.98
N TRP D 82 21.89 10.92 -28.31
CA TRP D 82 23.17 10.88 -28.98
C TRP D 82 23.80 12.26 -29.07
N SER D 83 25.15 12.28 -29.12
CA SER D 83 25.91 13.44 -29.56
C SER D 83 25.83 13.56 -31.08
N SER D 84 26.15 14.75 -31.61
CA SER D 84 26.06 15.04 -33.03
C SER D 84 26.98 14.14 -33.85
N ASP D 85 28.12 13.77 -33.25
CA ASP D 85 29.17 13.01 -33.91
C ASP D 85 29.00 11.51 -33.66
N SER D 86 27.90 11.10 -33.00
CA SER D 86 27.54 9.71 -32.78
C SER D 86 28.55 8.96 -31.91
N ASN D 87 29.38 9.69 -31.15
CA ASN D 87 30.47 9.10 -30.37
C ASN D 87 30.11 8.98 -28.89
N LEU D 88 29.07 9.71 -28.48
CA LEU D 88 28.73 9.86 -27.07
C LEU D 88 27.22 9.73 -26.88
N LEU D 89 26.86 9.26 -25.68
CA LEU D 89 25.50 9.10 -25.23
C LEU D 89 25.32 9.84 -23.91
N VAL D 90 24.16 10.45 -23.70
CA VAL D 90 23.76 10.85 -22.36
C VAL D 90 22.64 9.90 -21.97
N SER D 91 22.67 9.43 -20.71
CA SER D 91 21.58 8.67 -20.11
C SER D 91 20.97 9.48 -18.97
N ALA D 92 19.70 9.20 -18.65
CA ALA D 92 18.96 9.89 -17.59
C ALA D 92 18.28 8.82 -16.71
N SER D 93 18.50 8.89 -15.39
CA SER D 93 18.24 7.72 -14.56
C SER D 93 17.49 8.09 -13.29
N ASP D 94 16.77 7.07 -12.78
CA ASP D 94 16.11 7.11 -11.49
C ASP D 94 17.12 7.33 -10.36
N ASP D 95 18.36 6.86 -10.54
CA ASP D 95 19.38 7.00 -9.53
C ASP D 95 19.88 8.45 -9.46
N LYS D 96 19.10 9.38 -9.99
CA LYS D 96 19.39 10.83 -9.82
C LYS D 96 20.58 11.25 -10.68
N THR D 97 21.09 10.33 -11.49
CA THR D 97 22.32 10.67 -12.25
C THR D 97 22.08 10.75 -13.76
N LEU D 98 22.82 11.62 -14.43
CA LEU D 98 22.89 11.61 -15.90
C LEU D 98 24.33 11.14 -16.10
N LYS D 99 24.61 10.15 -16.94
CA LYS D 99 26.02 9.76 -17.17
C LYS D 99 26.38 9.88 -18.64
N ILE D 100 27.63 10.22 -18.98
CA ILE D 100 28.07 10.31 -20.36
C ILE D 100 28.93 9.09 -20.71
N TRP D 101 28.71 8.53 -21.89
CA TRP D 101 29.37 7.30 -22.33
C TRP D 101 30.08 7.48 -23.67
N ASP D 102 31.34 7.08 -23.73
CA ASP D 102 31.98 6.74 -24.99
C ASP D 102 31.32 5.46 -25.50
N VAL D 103 30.83 5.48 -26.75
CA VAL D 103 30.01 4.39 -27.29
C VAL D 103 30.91 3.28 -27.82
N SER D 104 32.16 3.61 -28.16
CA SER D 104 33.12 2.63 -28.63
C SER D 104 33.48 1.63 -27.53
N SER D 105 33.69 2.13 -26.30
CA SER D 105 34.27 1.36 -25.22
C SER D 105 33.22 0.60 -24.41
N GLY D 106 32.11 1.30 -24.10
CA GLY D 106 31.16 0.89 -23.07
C GLY D 106 31.43 1.58 -21.73
N LYS D 107 32.31 2.60 -21.77
CA LYS D 107 32.95 3.13 -20.58
C LYS D 107 32.33 4.48 -20.22
N CYS D 108 31.87 4.57 -18.97
CA CYS D 108 31.30 5.79 -18.41
C CYS D 108 32.37 6.88 -18.32
N LEU D 109 32.24 7.91 -19.17
CA LEU D 109 33.15 9.05 -19.15
C LEU D 109 32.89 9.91 -17.92
N LYS D 110 31.61 10.11 -17.58
CA LYS D 110 31.23 11.03 -16.52
C LYS D 110 29.92 10.57 -15.85
N THR D 111 29.71 11.11 -14.64
CA THR D 111 28.43 11.10 -13.94
C THR D 111 28.08 12.54 -13.56
N LEU D 112 26.81 12.91 -13.75
CA LEU D 112 26.37 14.30 -13.67
C LEU D 112 25.37 14.45 -12.54
N LYS D 113 25.90 14.66 -11.33
CA LYS D 113 25.07 14.77 -10.13
C LYS D 113 24.58 16.21 -10.00
N GLY D 114 23.39 16.40 -9.43
CA GLY D 114 22.79 17.72 -9.40
C GLY D 114 21.29 17.67 -9.17
N HIS D 115 20.60 16.73 -9.82
CA HIS D 115 19.16 16.61 -9.60
C HIS D 115 18.94 15.90 -8.27
N SER D 116 17.83 16.23 -7.61
CA SER D 116 17.51 15.73 -6.29
C SER D 116 16.48 14.59 -6.36
N ASN D 117 16.00 14.27 -7.57
CA ASN D 117 15.10 13.14 -7.76
C ASN D 117 15.31 12.53 -9.16
N TYR D 118 14.40 11.64 -9.57
CA TYR D 118 14.49 10.90 -10.82
C TYR D 118 14.77 11.85 -11.99
N VAL D 119 15.72 11.47 -12.86
CA VAL D 119 15.96 12.20 -14.10
C VAL D 119 15.28 11.45 -15.25
N PHE D 120 14.53 12.20 -16.06
CA PHE D 120 13.50 11.66 -16.95
C PHE D 120 13.82 11.85 -18.42
N CYS D 121 14.51 12.95 -18.77
CA CYS D 121 14.82 13.27 -20.15
C CYS D 121 16.20 13.93 -20.27
N CYS D 122 16.76 13.89 -21.50
CA CYS D 122 18.10 14.39 -21.78
C CYS D 122 18.30 14.45 -23.29
N ASN D 123 19.26 15.32 -23.70
CA ASN D 123 19.45 15.70 -25.09
C ASN D 123 20.73 16.53 -25.19
N PHE D 124 21.60 16.21 -26.17
CA PHE D 124 22.73 17.06 -26.51
C PHE D 124 22.24 18.23 -27.34
N ASN D 125 22.93 19.39 -27.21
CA ASN D 125 22.67 20.51 -28.10
C ASN D 125 23.23 20.16 -29.46
N PRO D 126 22.79 20.81 -30.56
CA PRO D 126 23.36 20.55 -31.89
C PRO D 126 24.89 20.60 -31.91
N GLN D 127 25.50 21.55 -31.20
CA GLN D 127 26.96 21.61 -31.08
C GLN D 127 27.49 20.36 -30.36
N SER D 128 26.66 19.81 -29.46
CA SER D 128 26.93 18.62 -28.66
C SER D 128 28.07 18.86 -27.68
N ASN D 129 28.13 20.08 -27.14
CA ASN D 129 29.04 20.43 -26.06
C ASN D 129 28.22 20.69 -24.78
N LEU D 130 26.90 20.87 -24.95
CA LEU D 130 25.96 20.92 -23.85
C LEU D 130 25.07 19.67 -23.85
N ILE D 131 24.59 19.35 -22.63
CA ILE D 131 23.48 18.43 -22.38
C ILE D 131 22.44 19.22 -21.58
N VAL D 132 21.16 19.00 -21.89
CA VAL D 132 20.06 19.54 -21.08
C VAL D 132 19.33 18.34 -20.49
N SER D 133 18.83 18.47 -19.26
CA SER D 133 18.07 17.40 -18.64
C SER D 133 16.87 17.92 -17.83
N GLY D 134 15.87 17.03 -17.69
CA GLY D 134 14.67 17.27 -16.90
C GLY D 134 14.48 16.14 -15.89
N SER D 135 13.84 16.49 -14.75
CA SER D 135 13.79 15.63 -13.58
C SER D 135 12.42 15.76 -12.92
N PHE D 136 12.14 14.80 -12.02
CA PHE D 136 10.97 14.82 -11.15
C PHE D 136 11.09 15.97 -10.13
N ASP D 137 12.32 16.45 -9.91
CA ASP D 137 12.54 17.54 -8.98
C ASP D 137 12.00 18.87 -9.54
N GLU D 138 11.42 18.83 -10.74
CA GLU D 138 10.64 19.94 -11.30
C GLU D 138 11.57 20.96 -11.98
N SER D 139 12.87 20.61 -12.17
CA SER D 139 13.87 21.54 -12.66
C SER D 139 14.43 21.11 -14.01
N VAL D 140 14.94 22.10 -14.76
CA VAL D 140 15.71 21.88 -15.98
C VAL D 140 17.17 22.23 -15.71
N ARG D 141 18.09 21.31 -15.99
CA ARG D 141 19.51 21.54 -15.82
C ARG D 141 20.24 21.51 -17.17
N ILE D 142 21.34 22.29 -17.25
CA ILE D 142 22.19 22.39 -18.43
C ILE D 142 23.60 22.01 -18.02
N TRP D 143 24.28 21.14 -18.79
CA TRP D 143 25.57 20.62 -18.38
C TRP D 143 26.64 20.86 -19.44
N ASP D 144 27.90 20.83 -19.00
CA ASP D 144 29.07 20.95 -19.85
C ASP D 144 29.63 19.55 -20.06
N VAL D 145 29.88 19.18 -21.32
CA VAL D 145 30.24 17.80 -21.63
C VAL D 145 31.70 17.54 -21.28
N LYS D 146 32.57 18.53 -21.55
CA LYS D 146 34.00 18.49 -21.23
C LYS D 146 34.16 18.21 -19.73
N THR D 147 33.68 19.15 -18.88
CA THR D 147 33.86 19.06 -17.43
C THR D 147 32.81 18.14 -16.82
N GLY D 148 31.52 18.49 -16.96
CA GLY D 148 30.45 17.85 -16.22
C GLY D 148 29.76 18.83 -15.28
N LYS D 149 30.36 20.02 -15.13
CA LYS D 149 29.81 21.13 -14.37
C LYS D 149 28.39 21.44 -14.89
N CYS D 150 27.39 21.27 -14.02
CA CYS D 150 26.10 21.89 -14.26
C CYS D 150 26.34 23.38 -14.37
N LEU D 151 25.78 24.01 -15.42
CA LEU D 151 26.02 25.42 -15.68
C LEU D 151 24.84 26.24 -15.15
N LYS D 152 23.63 25.88 -15.57
CA LYS D 152 22.43 26.61 -15.20
C LYS D 152 21.34 25.61 -14.78
N THR D 153 20.64 25.94 -13.68
CA THR D 153 19.51 25.18 -13.20
C THR D 153 18.28 26.08 -13.30
N LEU D 154 17.39 25.77 -14.24
CA LEU D 154 16.25 26.63 -14.50
C LEU D 154 15.08 26.23 -13.58
N PRO D 155 14.46 27.21 -12.88
CA PRO D 155 13.33 26.92 -11.98
C PRO D 155 12.04 26.64 -12.75
N ALA D 156 12.15 25.73 -13.72
CA ALA D 156 11.25 25.67 -14.87
C ALA D 156 9.78 25.52 -14.48
N HIS D 157 9.44 24.50 -13.68
CA HIS D 157 8.04 24.14 -13.46
C HIS D 157 7.79 23.85 -11.98
N SER D 158 6.50 23.67 -11.66
CA SER D 158 6.06 23.27 -10.34
C SER D 158 5.42 21.88 -10.40
N ASP D 159 6.16 20.93 -11.00
CA ASP D 159 5.73 19.55 -11.21
C ASP D 159 6.77 18.92 -12.14
N PRO D 160 6.88 17.57 -12.21
CA PRO D 160 7.89 16.89 -13.04
C PRO D 160 8.03 17.27 -14.53
N VAL D 161 9.28 17.30 -14.99
CA VAL D 161 9.62 17.58 -16.38
C VAL D 161 9.68 16.27 -17.15
N SER D 162 8.96 16.23 -18.29
CA SER D 162 8.71 15.02 -19.07
C SER D 162 9.60 14.93 -20.32
N ALA D 163 10.02 16.09 -20.88
CA ALA D 163 10.86 16.17 -22.07
C ALA D 163 11.59 17.52 -22.15
N VAL D 164 12.82 17.49 -22.67
CA VAL D 164 13.67 18.66 -22.87
C VAL D 164 14.45 18.51 -24.18
N HIS D 165 14.29 19.47 -25.12
CA HIS D 165 14.92 19.37 -26.42
C HIS D 165 15.55 20.70 -26.83
N PHE D 166 16.67 20.60 -27.58
CA PHE D 166 17.34 21.72 -28.22
C PHE D 166 16.81 21.95 -29.63
N ASN D 167 16.80 23.22 -30.08
CA ASN D 167 16.31 23.60 -31.41
C ASN D 167 17.40 23.35 -32.48
N ARG D 168 17.26 23.98 -33.66
CA ARG D 168 18.03 23.66 -34.85
C ARG D 168 19.48 24.14 -34.71
N ASP D 169 19.67 25.39 -34.24
CA ASP D 169 20.99 25.96 -33.99
C ASP D 169 21.35 25.91 -32.49
N GLY D 170 20.54 25.25 -31.67
CA GLY D 170 20.89 24.97 -30.28
C GLY D 170 20.78 26.18 -29.35
N SER D 171 20.10 27.24 -29.84
CA SER D 171 20.04 28.52 -29.12
C SER D 171 18.89 28.53 -28.11
N LEU D 172 17.90 27.67 -28.33
CA LEU D 172 16.72 27.57 -27.47
C LEU D 172 16.65 26.20 -26.81
N ILE D 173 15.75 26.09 -25.83
CA ILE D 173 15.37 24.84 -25.20
C ILE D 173 13.85 24.85 -25.06
N VAL D 174 13.21 23.74 -25.41
CA VAL D 174 11.81 23.53 -25.07
C VAL D 174 11.75 22.53 -23.91
N SER D 175 10.84 22.81 -22.95
CA SER D 175 10.55 21.87 -21.86
C SER D 175 9.05 21.69 -21.68
N SER D 176 8.65 20.51 -21.16
CA SER D 176 7.27 20.18 -20.89
C SER D 176 7.17 19.54 -19.51
N SER D 177 6.00 19.72 -18.86
CA SER D 177 5.87 19.33 -17.46
C SER D 177 4.42 18.97 -17.10
N TYR D 178 4.28 18.36 -15.92
CA TYR D 178 3.02 17.85 -15.42
C TYR D 178 2.18 18.97 -14.81
N ASP D 179 2.78 20.17 -14.68
CA ASP D 179 2.03 21.39 -14.42
C ASP D 179 1.18 21.77 -15.64
N GLY D 180 1.38 21.06 -16.75
CA GLY D 180 0.56 21.22 -17.94
C GLY D 180 1.02 22.37 -18.82
N LEU D 181 2.26 22.84 -18.60
CA LEU D 181 2.83 23.96 -19.35
C LEU D 181 3.99 23.46 -20.23
N CYS D 182 4.22 24.20 -21.32
CA CYS D 182 5.33 23.98 -22.24
C CYS D 182 6.08 25.30 -22.37
N ARG D 183 7.42 25.27 -22.42
CA ARG D 183 8.18 26.50 -22.26
C ARG D 183 9.47 26.50 -23.07
N ILE D 184 9.82 27.69 -23.56
CA ILE D 184 11.01 27.89 -24.37
C ILE D 184 11.99 28.71 -23.54
N TRP D 185 13.23 28.22 -23.44
CA TRP D 185 14.29 28.92 -22.72
C TRP D 185 15.38 29.34 -23.69
N ASP D 186 15.85 30.58 -23.52
CA ASP D 186 17.09 31.04 -24.10
C ASP D 186 18.24 30.31 -23.40
N THR D 187 18.92 29.41 -24.12
CA THR D 187 20.02 28.63 -23.58
C THR D 187 21.06 29.52 -22.90
N ALA D 188 21.41 30.62 -23.60
CA ALA D 188 22.52 31.49 -23.23
C ALA D 188 22.38 32.00 -21.79
N SER D 189 21.26 32.67 -21.49
CA SER D 189 20.99 33.21 -20.16
C SER D 189 20.31 32.16 -19.28
N GLY D 190 19.11 31.74 -19.70
CA GLY D 190 18.25 30.88 -18.90
C GLY D 190 16.87 31.50 -18.65
N GLN D 191 16.62 32.71 -19.18
CA GLN D 191 15.34 33.38 -19.08
C GLN D 191 14.30 32.56 -19.85
N CYS D 192 13.05 32.60 -19.39
CA CYS D 192 11.93 32.01 -20.11
C CYS D 192 11.46 33.01 -21.17
N LEU D 193 11.76 32.72 -22.45
CA LEU D 193 11.39 33.56 -23.56
C LEU D 193 9.87 33.56 -23.72
N LYS D 194 9.26 32.37 -23.65
CA LYS D 194 7.85 32.19 -23.96
C LYS D 194 7.32 30.95 -23.25
N THR D 195 5.99 30.90 -23.07
CA THR D 195 5.32 29.83 -22.35
C THR D 195 4.01 29.45 -23.05
N LEU D 196 3.99 28.32 -23.79
CA LEU D 196 2.89 27.95 -24.67
C LEU D 196 2.32 26.57 -24.31
N PRO D 202 -4.20 19.76 -18.29
CA PRO D 202 -3.65 18.38 -18.23
C PRO D 202 -2.13 18.36 -18.36
N PRO D 203 -1.42 17.27 -17.94
CA PRO D 203 0.04 17.18 -18.11
C PRO D 203 0.49 17.18 -19.57
N VAL D 204 1.70 17.74 -19.82
CA VAL D 204 2.35 17.72 -21.13
C VAL D 204 3.39 16.59 -21.13
N SER D 205 3.03 15.46 -21.75
CA SER D 205 3.75 14.19 -21.63
C SER D 205 5.05 14.19 -22.47
N PHE D 206 5.13 15.08 -23.48
CA PHE D 206 6.22 15.06 -24.46
C PHE D 206 6.27 16.37 -25.23
N VAL D 207 7.48 16.78 -25.62
CA VAL D 207 7.66 17.98 -26.43
C VAL D 207 8.98 17.90 -27.22
N LYS D 208 8.95 18.39 -28.47
CA LYS D 208 10.16 18.49 -29.28
C LYS D 208 9.99 19.43 -30.46
N PHE D 209 11.13 19.83 -31.03
CA PHE D 209 11.23 20.78 -32.13
C PHE D 209 11.21 20.03 -33.48
N SER D 210 10.50 20.61 -34.47
CA SER D 210 10.41 20.05 -35.81
C SER D 210 11.77 20.21 -36.51
N PRO D 211 12.18 19.23 -37.38
CA PRO D 211 13.44 19.35 -38.13
C PRO D 211 13.59 20.68 -38.88
N ASN D 212 12.51 21.10 -39.55
CA ASN D 212 12.51 22.31 -40.37
C ASN D 212 12.70 23.54 -39.48
N GLY D 213 12.62 23.35 -38.16
CA GLY D 213 13.04 24.36 -37.21
C GLY D 213 11.86 25.15 -36.65
N LYS D 214 10.83 25.37 -37.47
CA LYS D 214 9.81 26.38 -37.18
C LYS D 214 8.82 25.89 -36.11
N TYR D 215 8.56 24.56 -36.08
CA TYR D 215 7.43 24.01 -35.34
C TYR D 215 7.89 23.31 -34.05
N ILE D 216 6.90 22.97 -33.20
CA ILE D 216 7.09 22.19 -31.98
C ILE D 216 5.95 21.17 -31.90
N LEU D 217 6.27 19.93 -31.56
CA LEU D 217 5.28 18.87 -31.43
C LEU D 217 5.13 18.50 -29.95
N ALA D 218 3.90 18.58 -29.42
CA ALA D 218 3.65 18.40 -28.00
C ALA D 218 2.51 17.41 -27.79
N ALA D 219 2.71 16.44 -26.88
CA ALA D 219 1.65 15.56 -26.44
C ALA D 219 1.08 16.06 -25.12
N THR D 220 -0.25 15.96 -24.97
CA THR D 220 -0.95 16.08 -23.70
C THR D 220 -1.61 14.74 -23.36
N LEU D 221 -1.94 14.54 -22.08
CA LEU D 221 -2.50 13.27 -21.61
C LEU D 221 -4.02 13.26 -21.74
N ASP D 222 -4.55 14.13 -22.63
CA ASP D 222 -5.92 14.02 -23.12
C ASP D 222 -5.92 13.38 -24.49
N ASN D 223 -5.04 12.38 -24.71
CA ASN D 223 -5.04 11.54 -25.90
C ASN D 223 -4.79 12.37 -27.17
N THR D 224 -3.79 13.24 -27.12
CA THR D 224 -3.68 14.32 -28.10
C THR D 224 -2.21 14.59 -28.40
N LEU D 225 -1.91 14.79 -29.71
CA LEU D 225 -0.68 15.42 -30.19
C LEU D 225 -1.04 16.76 -30.83
N LYS D 226 -0.11 17.72 -30.77
CA LYS D 226 -0.33 19.04 -31.34
C LYS D 226 0.99 19.62 -31.86
N LEU D 227 0.87 20.27 -33.03
CA LEU D 227 1.96 20.98 -33.68
C LEU D 227 1.72 22.48 -33.52
N TRP D 228 2.78 23.20 -33.13
CA TRP D 228 2.72 24.63 -32.85
C TRP D 228 3.81 25.38 -33.63
N ASP D 229 3.46 26.55 -34.18
CA ASP D 229 4.48 27.54 -34.52
C ASP D 229 4.85 28.25 -33.23
N TYR D 230 6.03 27.94 -32.66
CA TYR D 230 6.45 28.50 -31.38
C TYR D 230 6.59 30.03 -31.46
N SER D 231 7.06 30.58 -32.59
CA SER D 231 7.25 32.02 -32.75
C SER D 231 5.91 32.75 -32.79
N LYS D 232 5.05 32.37 -33.74
CA LYS D 232 3.74 32.96 -33.91
C LYS D 232 2.87 32.62 -32.71
N GLY D 233 2.84 31.32 -32.36
CA GLY D 233 2.29 30.85 -31.10
C GLY D 233 0.84 30.37 -31.22
N LYS D 234 0.55 29.56 -32.25
CA LYS D 234 -0.78 29.02 -32.41
C LYS D 234 -0.67 27.61 -32.99
N CYS D 235 -1.73 26.83 -32.75
CA CYS D 235 -1.75 25.42 -33.02
C CYS D 235 -2.27 25.18 -34.43
N LEU D 236 -1.54 24.41 -35.22
CA LEU D 236 -1.84 24.27 -36.63
C LEU D 236 -2.35 22.89 -36.96
N LYS D 237 -2.04 21.90 -36.11
CA LYS D 237 -2.43 20.53 -36.37
C LYS D 237 -2.77 19.84 -35.04
N THR D 238 -3.67 18.86 -35.14
CA THR D 238 -4.12 18.07 -34.02
C THR D 238 -4.27 16.64 -34.51
N TYR D 239 -3.59 15.73 -33.83
CA TYR D 239 -3.55 14.33 -34.23
C TYR D 239 -4.15 13.46 -33.12
N THR D 240 -5.26 12.77 -33.43
CA THR D 240 -6.01 12.01 -32.44
C THR D 240 -6.32 10.61 -32.96
N GLY D 241 -6.98 9.81 -32.10
CA GLY D 241 -7.39 8.47 -32.44
C GLY D 241 -6.59 7.42 -31.67
N HIS D 242 -5.51 7.83 -31.00
CA HIS D 242 -4.72 6.94 -30.20
C HIS D 242 -5.09 7.16 -28.73
N LYS D 243 -4.55 6.29 -27.85
CA LYS D 243 -4.83 6.28 -26.42
C LYS D 243 -3.59 6.77 -25.66
N ASN D 244 -3.72 7.90 -24.93
CA ASN D 244 -2.62 8.52 -24.21
C ASN D 244 -3.15 9.24 -22.97
N GLU D 245 -3.15 8.56 -21.81
CA GLU D 245 -3.72 9.13 -20.59
C GLU D 245 -2.78 9.00 -19.38
N LYS D 246 -1.94 7.95 -19.32
CA LYS D 246 -1.07 7.74 -18.17
C LYS D 246 0.39 8.00 -18.56
N TYR D 247 0.89 7.33 -19.61
CA TYR D 247 2.33 7.23 -19.85
C TYR D 247 2.83 8.38 -20.73
N CYS D 248 4.08 8.78 -20.48
CA CYS D 248 4.80 9.75 -21.28
C CYS D 248 5.40 9.02 -22.48
N ILE D 249 4.72 9.17 -23.62
CA ILE D 249 5.03 8.49 -24.86
C ILE D 249 5.80 9.44 -25.77
N PHE D 250 6.90 8.91 -26.36
CA PHE D 250 7.78 9.70 -27.21
C PHE D 250 7.21 9.72 -28.62
N ALA D 251 7.03 10.92 -29.18
CA ALA D 251 6.53 11.13 -30.53
C ALA D 251 7.61 11.68 -31.46
N ASN D 252 7.38 11.61 -32.78
CA ASN D 252 8.41 11.92 -33.77
C ASN D 252 7.86 12.59 -35.02
N PHE D 253 8.78 13.25 -35.74
CA PHE D 253 8.60 13.54 -37.15
C PHE D 253 9.40 12.55 -38.00
N SER D 254 8.72 11.87 -38.92
CA SER D 254 9.37 11.18 -40.02
C SER D 254 9.23 12.04 -41.28
N VAL D 255 10.34 12.29 -41.97
CA VAL D 255 10.32 13.13 -43.16
C VAL D 255 11.32 12.66 -44.22
N THR D 256 11.83 11.43 -44.08
CA THR D 256 12.77 10.89 -45.05
C THR D 256 12.02 10.70 -46.37
N GLY D 257 10.95 9.91 -46.34
CA GLY D 257 10.01 9.78 -47.45
C GLY D 257 8.93 10.87 -47.43
N GLY D 258 7.68 10.46 -47.24
CA GLY D 258 6.61 11.40 -46.94
C GLY D 258 6.75 12.03 -45.56
N LYS D 259 5.88 13.01 -45.26
CA LYS D 259 5.85 13.70 -43.99
C LYS D 259 4.74 13.14 -43.09
N TRP D 260 5.16 12.44 -42.04
CA TRP D 260 4.27 11.82 -41.06
C TRP D 260 4.59 12.30 -39.63
N ILE D 261 3.57 12.25 -38.78
CA ILE D 261 3.76 12.22 -37.33
C ILE D 261 3.63 10.76 -36.88
N VAL D 262 4.61 10.30 -36.10
CA VAL D 262 4.60 8.95 -35.56
C VAL D 262 4.44 9.06 -34.05
N SER D 263 3.74 8.09 -33.44
CA SER D 263 3.62 8.02 -31.99
C SER D 263 3.32 6.59 -31.52
N GLY D 264 3.84 6.25 -30.34
CA GLY D 264 3.34 5.13 -29.57
C GLY D 264 1.94 5.44 -29.03
N SER D 265 1.33 4.41 -28.44
CA SER D 265 -0.05 4.46 -27.96
C SER D 265 -0.20 3.39 -26.90
N GLU D 266 -1.07 3.67 -25.91
CA GLU D 266 -1.32 2.81 -24.76
C GLU D 266 -2.16 1.59 -25.18
N ASP D 267 -2.85 1.68 -26.33
CA ASP D 267 -3.50 0.53 -26.91
C ASP D 267 -2.51 -0.32 -27.73
N ASN D 268 -1.20 -0.21 -27.47
CA ASN D 268 -0.20 -1.19 -27.90
C ASN D 268 0.19 -1.07 -29.37
N LEU D 269 -0.25 0.01 -30.06
CA LEU D 269 -0.03 0.20 -31.48
C LEU D 269 0.92 1.37 -31.68
N VAL D 270 1.55 1.40 -32.88
CA VAL D 270 2.30 2.54 -33.36
C VAL D 270 1.42 3.27 -34.37
N TYR D 271 1.08 4.53 -34.09
CA TYR D 271 0.22 5.30 -34.99
C TYR D 271 1.07 6.15 -35.92
N ILE D 272 0.53 6.40 -37.13
CA ILE D 272 1.17 7.25 -38.12
C ILE D 272 0.12 8.15 -38.75
N TRP D 273 0.35 9.47 -38.66
CA TRP D 273 -0.54 10.45 -39.24
C TRP D 273 0.16 11.14 -40.42
N ASN D 274 -0.57 11.25 -41.53
CA ASN D 274 -0.35 12.34 -42.47
C ASN D 274 -0.18 13.62 -41.65
N LEU D 275 1.02 14.16 -41.64
CA LEU D 275 1.31 15.36 -40.89
C LEU D 275 0.41 16.52 -41.36
N GLN D 276 0.20 16.70 -42.67
CA GLN D 276 -0.50 17.89 -43.15
C GLN D 276 -2.02 17.76 -42.97
N THR D 277 -2.58 16.57 -43.17
CA THR D 277 -4.03 16.40 -43.29
C THR D 277 -4.62 15.80 -42.01
N LYS D 278 -3.75 15.23 -41.15
CA LYS D 278 -4.06 14.77 -39.80
C LYS D 278 -4.69 13.37 -39.81
N GLU D 279 -4.92 12.81 -41.01
CA GLU D 279 -5.48 11.48 -41.20
C GLU D 279 -4.54 10.43 -40.63
N ILE D 280 -5.09 9.40 -39.98
CA ILE D 280 -4.29 8.23 -39.63
C ILE D 280 -4.07 7.44 -40.91
N VAL D 281 -2.81 7.16 -41.21
CA VAL D 281 -2.45 6.51 -42.46
C VAL D 281 -1.89 5.12 -42.17
N GLN D 282 -1.67 4.77 -40.89
CA GLN D 282 -1.27 3.41 -40.57
C GLN D 282 -1.23 3.21 -39.06
N LYS D 283 -1.44 1.93 -38.65
CA LYS D 283 -1.29 1.44 -37.28
C LYS D 283 -0.51 0.13 -37.30
N LEU D 284 0.66 0.11 -36.65
CA LEU D 284 1.54 -1.05 -36.69
C LEU D 284 1.22 -1.97 -35.52
N GLN D 285 0.94 -3.25 -35.85
CA GLN D 285 0.50 -4.24 -34.89
C GLN D 285 1.64 -5.25 -34.67
N GLY D 286 1.81 -5.69 -33.42
CA GLY D 286 2.86 -6.60 -33.02
C GLY D 286 3.15 -6.49 -31.52
N HIS D 287 3.14 -5.26 -31.00
CA HIS D 287 3.49 -5.00 -29.61
C HIS D 287 2.39 -5.54 -28.72
N THR D 288 2.81 -6.01 -27.54
CA THR D 288 1.96 -6.66 -26.56
C THR D 288 1.99 -5.85 -25.27
N ASP D 289 2.34 -4.56 -25.36
CA ASP D 289 2.26 -3.65 -24.23
C ASP D 289 2.28 -2.23 -24.76
N VAL D 290 2.07 -1.26 -23.87
CA VAL D 290 2.19 0.14 -24.22
C VAL D 290 3.50 0.39 -24.98
N VAL D 291 3.39 1.02 -26.16
CA VAL D 291 4.53 1.47 -26.94
C VAL D 291 4.86 2.87 -26.44
N ILE D 292 6.03 3.02 -25.79
CA ILE D 292 6.35 4.23 -25.05
C ILE D 292 7.40 5.05 -25.80
N SER D 293 8.11 4.43 -26.75
CA SER D 293 9.09 5.17 -27.51
C SER D 293 9.01 4.78 -28.98
N THR D 294 8.94 5.79 -29.86
CA THR D 294 9.23 5.63 -31.27
C THR D 294 10.43 6.50 -31.66
N ALA D 295 11.16 6.07 -32.69
CA ALA D 295 12.29 6.81 -33.26
C ALA D 295 12.26 6.65 -34.79
N CYS D 296 12.48 7.75 -35.50
CA CYS D 296 12.49 7.72 -36.96
C CYS D 296 13.93 7.89 -37.46
N HIS D 297 14.39 6.92 -38.25
CA HIS D 297 15.75 6.88 -38.78
C HIS D 297 16.03 8.21 -39.47
N PRO D 298 17.30 8.70 -39.42
CA PRO D 298 17.69 9.99 -40.00
C PRO D 298 17.71 10.14 -41.51
N THR D 299 18.20 9.14 -42.26
CA THR D 299 18.34 9.26 -43.71
C THR D 299 17.39 8.33 -44.49
N GLU D 300 16.79 7.35 -43.80
CA GLU D 300 16.03 6.27 -44.40
C GLU D 300 14.65 6.17 -43.74
N ASN D 301 13.73 5.45 -44.39
CA ASN D 301 12.39 5.23 -43.88
C ASN D 301 12.39 3.97 -42.99
N ILE D 302 12.84 4.15 -41.74
CA ILE D 302 12.85 3.09 -40.74
C ILE D 302 12.30 3.68 -39.44
N ILE D 303 11.51 2.89 -38.69
CA ILE D 303 11.03 3.28 -37.37
C ILE D 303 11.47 2.21 -36.36
N ALA D 304 11.96 2.69 -35.19
CA ALA D 304 12.18 1.87 -34.01
C ALA D 304 11.07 2.16 -33.01
N SER D 305 10.67 1.13 -32.26
CA SER D 305 9.55 1.25 -31.33
C SER D 305 9.75 0.29 -30.18
N ALA D 306 9.43 0.74 -28.96
CA ALA D 306 9.78 0.00 -27.76
C ALA D 306 8.64 0.02 -26.77
N ALA D 307 8.48 -1.09 -26.05
CA ALA D 307 7.32 -1.30 -25.21
C ALA D 307 7.73 -1.75 -23.80
N LEU D 308 6.75 -1.82 -22.89
CA LEU D 308 6.96 -1.94 -21.46
C LEU D 308 6.88 -3.39 -21.00
N GLU D 309 6.66 -3.58 -19.69
CA GLU D 309 7.01 -4.78 -18.93
C GLU D 309 6.47 -6.06 -19.56
N ASN D 310 5.24 -6.03 -20.08
CA ASN D 310 4.67 -7.23 -20.70
C ASN D 310 5.33 -7.53 -22.05
N ASP D 311 5.85 -6.50 -22.72
CA ASP D 311 6.54 -6.64 -23.98
C ASP D 311 8.03 -6.86 -23.71
N LYS D 312 8.73 -5.78 -23.29
CA LYS D 312 10.18 -5.74 -23.10
C LYS D 312 10.97 -5.75 -24.42
N THR D 313 10.33 -5.49 -25.58
CA THR D 313 11.05 -5.58 -26.85
C THR D 313 11.03 -4.28 -27.66
N ILE D 314 12.04 -4.20 -28.54
CA ILE D 314 12.18 -3.18 -29.57
C ILE D 314 11.83 -3.81 -30.91
N LYS D 315 11.03 -3.10 -31.72
CA LYS D 315 10.72 -3.56 -33.06
C LYS D 315 11.19 -2.54 -34.08
N LEU D 316 11.67 -3.03 -35.23
CA LEU D 316 12.07 -2.20 -36.35
C LEU D 316 11.15 -2.46 -37.54
N TRP D 317 10.71 -1.35 -38.16
CA TRP D 317 9.75 -1.32 -39.24
C TRP D 317 10.38 -0.58 -40.44
N LYS D 318 10.37 -1.18 -41.64
CA LYS D 318 10.97 -0.53 -42.82
C LYS D 318 9.93 -0.38 -43.93
N SER D 319 9.78 0.85 -44.46
CA SER D 319 8.73 1.21 -45.43
C SER D 319 9.32 1.59 -46.78
N ASP D 320 8.45 1.77 -47.78
CA ASP D 320 8.84 2.25 -49.10
C ASP D 320 8.73 3.78 -49.19
N CYS D 321 8.07 4.43 -48.22
CA CYS D 321 7.99 5.88 -48.20
C CYS D 321 7.47 6.39 -46.85
#